data_3UMQ
#
_entry.id   3UMQ
#
_cell.length_a   88.923
_cell.length_b   101.509
_cell.length_c   162.976
_cell.angle_alpha   90.00
_cell.angle_beta   90.00
_cell.angle_gamma   90.00
#
_symmetry.space_group_name_H-M   'I 2 2 2'
#
loop_
_entity.id
_entity.type
_entity.pdbx_description
1 polymer 'Peptidoglycan recognition protein 1'
2 non-polymer 'butanoic acid'
3 non-polymer GLYCEROL
4 water water
#
_entity_poly.entity_id   1
_entity_poly.type   'polypeptide(L)'
_entity_poly.pdbx_seq_one_letter_code
;EDPPACGSIVPRREWRALASECRERLTRPVRYVVVSHTAGSHCDTPASCAQQAQNVQSYHVRNLGWCDVGYNFLIGEDGL
VYEGRGWNIKGAHAGPTWNPISIGISFMGNYMNRVPPPRALRAAQNLLACGVALGALRSNYEVKGHRDVQPTLSPGDRLY
EIIQTWSHYRA
;
_entity_poly.pdbx_strand_id   A,B,C,D
#
# COMPACT_ATOMS: atom_id res chain seq x y z
N GLU A 1 1.93 -0.22 -19.97
CA GLU A 1 2.09 -1.67 -19.85
C GLU A 1 0.76 -2.38 -19.54
N ASP A 2 -0.26 -1.60 -19.17
CA ASP A 2 -1.59 -2.15 -18.95
C ASP A 2 -2.69 -1.31 -19.63
N PRO A 3 -3.41 -1.93 -20.56
CA PRO A 3 -4.53 -1.29 -21.26
C PRO A 3 -5.73 -0.87 -20.41
N PRO A 4 -6.18 -1.70 -19.47
CA PRO A 4 -7.39 -1.37 -18.67
C PRO A 4 -7.39 0.01 -18.02
N ALA A 5 -8.62 0.58 -17.98
CA ALA A 5 -8.81 1.93 -17.49
C ALA A 5 -8.91 1.95 -15.97
N CYS A 6 -8.64 3.09 -15.37
CA CYS A 6 -8.80 3.15 -13.91
C CYS A 6 -9.31 4.48 -13.34
N GLY A 7 -10.49 4.41 -12.70
CA GLY A 7 -11.10 5.53 -12.01
C GLY A 7 -11.89 6.50 -12.88
N SER A 8 -12.69 7.34 -12.21
CA SER A 8 -13.46 8.42 -12.87
C SER A 8 -12.90 9.77 -12.41
N ILE A 9 -12.76 10.67 -13.40
CA ILE A 9 -12.20 12.01 -13.24
C ILE A 9 -12.89 12.96 -14.22
N VAL A 10 -13.27 14.13 -13.71
CA VAL A 10 -13.90 15.18 -14.53
C VAL A 10 -12.77 15.79 -15.36
N PRO A 11 -12.76 15.54 -16.70
CA PRO A 11 -11.69 16.10 -17.55
C PRO A 11 -11.66 17.64 -17.63
N ARG A 12 -10.49 18.21 -17.88
CA ARG A 12 -10.32 19.65 -18.07
C ARG A 12 -11.46 20.37 -18.83
N ARG A 13 -11.86 19.84 -19.97
CA ARG A 13 -12.87 20.48 -20.80
C ARG A 13 -14.21 20.59 -20.09
N GLU A 14 -14.53 19.55 -19.33
CA GLU A 14 -15.80 19.48 -18.64
C GLU A 14 -15.94 20.60 -17.61
N TRP A 15 -14.85 20.96 -16.94
CA TRP A 15 -14.90 22.07 -16.01
C TRP A 15 -14.45 23.39 -16.60
N ARG A 16 -14.29 23.40 -17.92
CA ARG A 16 -13.95 24.61 -18.67
C ARG A 16 -12.60 25.24 -18.31
N ALA A 17 -11.60 24.41 -18.07
CA ALA A 17 -10.26 24.87 -17.80
C ALA A 17 -9.67 25.59 -19.00
N LEU A 18 -8.89 26.64 -18.74
CA LEU A 18 -8.17 27.31 -19.81
C LEU A 18 -7.14 26.30 -20.23
N ALA A 19 -6.67 26.42 -21.47
CA ALA A 19 -5.69 25.49 -22.02
C ALA A 19 -4.42 25.60 -21.17
N SER A 20 -3.72 24.49 -20.98
CA SER A 20 -2.51 24.58 -20.17
C SER A 20 -1.35 25.07 -21.02
N GLU A 21 -0.29 25.53 -20.36
CA GLU A 21 0.90 25.94 -21.06
C GLU A 21 2.10 25.32 -20.39
N CYS A 22 1.87 24.28 -19.60
CA CYS A 22 2.94 23.58 -18.90
C CYS A 22 3.53 22.45 -19.75
N ARG A 23 4.87 22.34 -19.77
CA ARG A 23 5.50 21.25 -20.49
C ARG A 23 6.46 20.35 -19.68
N GLU A 24 6.95 20.82 -18.53
CA GLU A 24 7.88 20.01 -17.75
C GLU A 24 7.22 18.74 -17.28
N ARG A 25 7.83 17.59 -17.52
CA ARG A 25 7.23 16.34 -17.11
C ARG A 25 7.81 15.69 -15.83
N LEU A 26 6.94 14.95 -15.13
CA LEU A 26 7.31 14.14 -13.97
C LEU A 26 7.97 12.86 -14.50
N THR A 27 8.82 12.20 -13.72
CA THR A 27 9.44 10.97 -14.20
C THR A 27 8.69 9.80 -13.58
N ARG A 28 8.03 9.02 -14.43
CA ARG A 28 7.22 7.85 -13.98
C ARG A 28 8.15 6.76 -13.48
N PRO A 29 7.73 6.03 -12.45
CA PRO A 29 6.59 6.37 -11.62
C PRO A 29 7.00 7.29 -10.46
N VAL A 30 6.06 8.07 -9.94
CA VAL A 30 6.30 8.99 -8.84
C VAL A 30 6.22 8.31 -7.47
N ARG A 31 7.21 8.58 -6.62
CA ARG A 31 7.23 8.18 -5.21
C ARG A 31 6.23 8.82 -4.24
N TYR A 32 6.00 10.12 -4.39
CA TYR A 32 5.28 10.89 -3.39
C TYR A 32 4.05 11.52 -3.87
N VAL A 33 3.09 11.59 -2.96
CA VAL A 33 1.86 12.30 -3.20
C VAL A 33 1.76 13.29 -2.04
N VAL A 34 1.49 14.55 -2.37
CA VAL A 34 1.33 15.55 -1.32
C VAL A 34 -0.10 16.06 -1.31
N VAL A 35 -0.71 16.04 -0.14
CA VAL A 35 -2.10 16.42 0.03
C VAL A 35 -2.22 17.78 0.68
N SER A 36 -3.02 18.62 0.05
CA SER A 36 -3.16 20.02 0.36
C SER A 36 -4.62 20.39 0.42
N HIS A 37 -4.89 21.61 0.85
CA HIS A 37 -6.19 22.18 0.69
C HIS A 37 -6.05 23.50 0.06
N THR A 38 -7.08 23.90 -0.66
CA THR A 38 -7.14 25.20 -1.29
C THR A 38 -7.23 26.30 -0.27
N ALA A 39 -7.90 26.02 0.84
CA ALA A 39 -8.14 27.01 1.86
C ALA A 39 -9.12 27.99 1.28
N GLY A 40 -9.77 27.58 0.20
CA GLY A 40 -10.71 28.45 -0.51
C GLY A 40 -12.16 28.08 -0.25
N SER A 41 -13.14 28.71 -0.93
CA SER A 41 -14.54 28.31 -0.74
C SER A 41 -14.70 26.83 -1.10
N HIS A 42 -15.66 26.13 -0.49
CA HIS A 42 -15.88 24.74 -0.84
C HIS A 42 -17.13 24.61 -1.75
N CYS A 43 -17.45 23.39 -2.20
CA CYS A 43 -18.60 23.16 -3.09
C CYS A 43 -19.09 21.75 -2.99
N ASP A 44 -20.40 21.56 -3.14
CA ASP A 44 -20.91 20.21 -3.02
C ASP A 44 -21.66 19.61 -4.22
N THR A 45 -21.71 20.33 -5.33
CA THR A 45 -22.41 19.82 -6.49
C THR A 45 -21.51 19.91 -7.68
N PRO A 46 -21.59 18.92 -8.59
CA PRO A 46 -20.77 18.89 -9.80
C PRO A 46 -20.74 20.26 -10.49
N ALA A 47 -21.86 20.96 -10.43
CA ALA A 47 -21.90 22.31 -10.98
C ALA A 47 -21.01 23.26 -10.16
N SER A 48 -21.18 23.25 -8.83
CA SER A 48 -20.46 24.22 -8.01
C SER A 48 -18.99 23.88 -7.90
N CYS A 49 -18.64 22.61 -7.97
CA CYS A 49 -17.24 22.23 -7.94
C CYS A 49 -16.48 22.51 -9.24
N ALA A 50 -17.17 22.53 -10.37
CA ALA A 50 -16.50 22.78 -11.64
C ALA A 50 -16.18 24.25 -11.66
N GLN A 51 -17.09 25.06 -11.14
CA GLN A 51 -16.91 26.51 -11.01
C GLN A 51 -15.71 26.79 -10.12
N GLN A 52 -15.65 26.13 -8.98
CA GLN A 52 -14.55 26.37 -8.05
C GLN A 52 -13.20 25.93 -8.63
N ALA A 53 -13.18 24.78 -9.31
CA ALA A 53 -11.96 24.36 -10.02
C ALA A 53 -11.51 25.52 -10.95
N GLN A 54 -12.46 26.07 -11.70
CA GLN A 54 -12.18 27.17 -12.62
C GLN A 54 -11.58 28.39 -11.87
N ASN A 55 -12.22 28.80 -10.77
CA ASN A 55 -11.71 29.90 -9.93
C ASN A 55 -10.27 29.74 -9.39
N VAL A 56 -9.91 28.51 -9.04
CA VAL A 56 -8.59 28.32 -8.46
C VAL A 56 -7.56 28.38 -9.55
N GLN A 57 -7.90 27.73 -10.66
CA GLN A 57 -7.04 27.73 -11.84
C GLN A 57 -6.79 29.15 -12.27
N SER A 58 -7.88 29.90 -12.35
CA SER A 58 -7.91 31.28 -12.72
C SER A 58 -7.01 32.13 -11.82
N TYR A 59 -7.07 31.88 -10.52
CA TYR A 59 -6.22 32.59 -9.60
C TYR A 59 -4.74 32.31 -9.85
N HIS A 60 -4.43 31.03 -10.02
CA HIS A 60 -3.08 30.54 -10.27
C HIS A 60 -2.52 31.08 -11.54
N VAL A 61 -3.33 31.00 -12.61
CA VAL A 61 -2.88 31.38 -13.93
C VAL A 61 -2.77 32.87 -14.12
N ARG A 62 -3.80 33.60 -13.70
CA ARG A 62 -3.80 35.04 -13.88
C ARG A 62 -3.07 35.86 -12.82
N ASN A 63 -3.18 35.46 -11.56
CA ASN A 63 -2.52 36.25 -10.53
C ASN A 63 -1.11 35.78 -10.25
N LEU A 64 -0.94 34.48 -10.22
CA LEU A 64 0.35 33.97 -9.90
C LEU A 64 1.23 33.75 -11.13
N GLY A 65 0.63 33.78 -12.33
CA GLY A 65 1.38 33.58 -13.57
C GLY A 65 1.85 32.16 -13.88
N TRP A 66 1.18 31.16 -13.33
CA TRP A 66 1.62 29.79 -13.59
C TRP A 66 1.11 29.25 -14.90
N CYS A 67 1.73 28.21 -15.42
CA CYS A 67 1.33 27.66 -16.70
C CYS A 67 -0.03 26.96 -16.71
N ASP A 68 -0.52 26.62 -15.52
CA ASP A 68 -1.78 25.89 -15.30
C ASP A 68 -2.14 25.92 -13.82
N VAL A 69 -3.35 25.50 -13.46
CA VAL A 69 -3.70 25.25 -12.06
C VAL A 69 -2.51 24.47 -11.45
N GLY A 70 -2.08 24.82 -10.25
CA GLY A 70 -0.89 24.22 -9.69
C GLY A 70 -0.93 22.78 -9.29
N TYR A 71 -2.14 22.30 -9.01
CA TYR A 71 -2.36 20.96 -8.51
C TYR A 71 -2.51 20.02 -9.62
N ASN A 72 -2.02 18.81 -9.39
CA ASN A 72 -2.19 17.72 -10.35
C ASN A 72 -3.67 17.27 -10.48
N PHE A 73 -4.32 17.07 -9.33
CA PHE A 73 -5.76 16.80 -9.25
C PHE A 73 -6.36 17.63 -8.09
N LEU A 74 -7.63 18.04 -8.25
CA LEU A 74 -8.38 18.63 -7.16
C LEU A 74 -9.51 17.64 -6.78
N ILE A 75 -9.93 17.71 -5.52
CA ILE A 75 -11.02 16.87 -5.02
C ILE A 75 -12.13 17.74 -4.47
N GLY A 76 -13.36 17.53 -4.93
CA GLY A 76 -14.46 18.33 -4.43
C GLY A 76 -15.36 17.54 -3.51
N GLU A 77 -16.12 18.24 -2.67
CA GLU A 77 -17.04 17.60 -1.75
C GLU A 77 -18.24 16.88 -2.44
N ASP A 78 -18.42 17.15 -3.74
CA ASP A 78 -19.40 16.45 -4.58
C ASP A 78 -18.96 15.01 -4.80
N GLY A 79 -17.78 14.71 -4.27
CA GLY A 79 -17.20 13.39 -4.40
C GLY A 79 -16.56 13.11 -5.75
N LEU A 80 -16.35 14.13 -6.59
CA LEU A 80 -15.70 13.93 -7.87
C LEU A 80 -14.26 14.43 -7.83
N VAL A 81 -13.40 13.80 -8.63
CA VAL A 81 -12.02 14.22 -8.76
C VAL A 81 -12.01 15.03 -10.06
N TYR A 82 -11.37 16.20 -9.98
CA TYR A 82 -11.17 17.13 -11.07
C TYR A 82 -9.74 17.12 -11.57
N GLU A 83 -9.55 16.78 -12.83
CA GLU A 83 -8.20 16.71 -13.39
C GLU A 83 -7.54 18.08 -13.45
N GLY A 84 -6.31 18.17 -12.98
CA GLY A 84 -5.56 19.42 -13.05
C GLY A 84 -4.47 19.21 -14.08
N ARG A 85 -3.22 19.33 -13.63
CA ARG A 85 -2.09 19.06 -14.51
C ARG A 85 -2.00 17.56 -14.86
N GLY A 86 -2.69 16.70 -14.11
CA GLY A 86 -2.71 15.29 -14.47
C GLY A 86 -1.54 14.50 -13.94
N TRP A 87 -1.33 13.29 -14.44
CA TRP A 87 -0.30 12.44 -13.86
C TRP A 87 1.08 12.63 -14.42
N ASN A 88 1.14 13.30 -15.55
CA ASN A 88 2.37 13.35 -16.30
C ASN A 88 3.19 14.62 -16.19
N ILE A 89 2.53 15.67 -15.72
CA ILE A 89 3.10 17.02 -15.74
C ILE A 89 3.37 17.57 -14.35
N LYS A 90 4.56 18.13 -14.16
CA LYS A 90 4.98 18.70 -12.88
C LYS A 90 4.07 19.83 -12.40
N GLY A 91 3.53 19.68 -11.19
CA GLY A 91 2.67 20.70 -10.65
C GLY A 91 3.50 21.77 -9.97
N ALA A 92 2.79 22.71 -9.37
CA ALA A 92 3.35 23.75 -8.54
C ALA A 92 2.53 23.85 -7.27
N HIS A 93 2.73 22.90 -6.37
CA HIS A 93 1.97 22.85 -5.14
C HIS A 93 2.79 22.76 -3.87
N ALA A 94 4.01 22.24 -3.96
CA ALA A 94 4.80 21.98 -2.77
C ALA A 94 6.22 22.57 -2.71
N GLY A 95 6.54 23.50 -3.59
CA GLY A 95 7.87 24.06 -3.64
C GLY A 95 8.83 23.31 -4.52
N PRO A 96 9.97 23.94 -4.78
CA PRO A 96 10.93 23.45 -5.78
C PRO A 96 11.49 22.08 -5.44
N THR A 97 11.80 21.85 -4.17
CA THR A 97 12.24 20.52 -3.76
C THR A 97 11.21 19.42 -4.01
N TRP A 98 9.93 19.70 -3.77
CA TRP A 98 8.95 18.64 -3.86
C TRP A 98 8.19 18.56 -5.18
N ASN A 99 7.90 19.71 -5.78
CA ASN A 99 7.25 19.71 -7.06
C ASN A 99 7.75 18.70 -8.11
N PRO A 100 9.09 18.60 -8.35
CA PRO A 100 9.59 17.64 -9.36
C PRO A 100 9.46 16.16 -9.14
N ILE A 101 9.14 15.78 -7.91
CA ILE A 101 9.10 14.38 -7.50
C ILE A 101 7.80 13.95 -6.84
N SER A 102 6.77 14.80 -6.97
CA SER A 102 5.47 14.43 -6.44
C SER A 102 4.18 14.68 -7.28
N ILE A 103 3.13 14.00 -6.83
CA ILE A 103 1.80 14.32 -7.34
C ILE A 103 1.15 15.09 -6.15
N GLY A 104 0.64 16.30 -6.45
CA GLY A 104 -0.07 17.07 -5.45
C GLY A 104 -1.59 17.04 -5.72
N ILE A 105 -2.37 16.66 -4.71
CA ILE A 105 -3.83 16.65 -4.82
C ILE A 105 -4.32 17.60 -3.75
N SER A 106 -5.34 18.38 -4.10
CA SER A 106 -5.82 19.37 -3.21
C SER A 106 -7.32 19.26 -3.03
N PHE A 107 -7.76 19.11 -1.78
CA PHE A 107 -9.21 19.16 -1.46
C PHE A 107 -9.65 20.65 -1.53
N MET A 108 -10.69 20.94 -2.30
CA MET A 108 -11.13 22.33 -2.49
C MET A 108 -11.97 22.81 -1.30
N GLY A 109 -11.46 23.85 -0.62
CA GLY A 109 -12.09 24.36 0.59
C GLY A 109 -11.08 24.37 1.73
N ASN A 110 -11.50 24.90 2.89
CA ASN A 110 -10.68 25.05 4.11
C ASN A 110 -11.01 24.03 5.22
N TYR A 111 -10.02 23.23 5.61
CA TYR A 111 -10.27 22.15 6.56
C TYR A 111 -9.60 22.22 7.91
N MET A 112 -9.46 23.44 8.42
CA MET A 112 -9.03 23.68 9.81
C MET A 112 -10.06 23.20 10.84
N ASN A 113 -11.33 23.46 10.55
CA ASN A 113 -12.45 23.16 11.43
C ASN A 113 -13.55 22.27 10.80
N ARG A 114 -13.22 21.63 9.68
CA ARG A 114 -14.18 20.81 8.95
C ARG A 114 -13.48 19.60 8.43
N VAL A 115 -14.23 18.56 8.18
CA VAL A 115 -13.69 17.40 7.52
C VAL A 115 -14.30 17.36 6.14
N PRO A 116 -13.55 16.84 5.20
CA PRO A 116 -14.11 16.50 3.91
C PRO A 116 -15.05 15.31 4.12
N PRO A 117 -16.13 15.25 3.36
CA PRO A 117 -17.11 14.18 3.49
C PRO A 117 -16.49 12.89 3.06
N PRO A 118 -17.00 11.77 3.55
CA PRO A 118 -16.41 10.46 3.20
C PRO A 118 -16.24 10.24 1.69
N ARG A 119 -17.14 10.81 0.88
CA ARG A 119 -17.11 10.59 -0.59
C ARG A 119 -15.88 11.24 -1.23
N ALA A 120 -15.52 12.41 -0.74
CA ALA A 120 -14.29 13.11 -1.11
C ALA A 120 -13.03 12.26 -0.81
N LEU A 121 -13.05 11.61 0.36
CA LEU A 121 -11.91 10.86 0.82
C LEU A 121 -11.79 9.57 0.02
N ARG A 122 -12.92 8.98 -0.34
CA ARG A 122 -12.93 7.82 -1.20
C ARG A 122 -12.37 8.17 -2.56
N ALA A 123 -12.83 9.30 -3.08
CA ALA A 123 -12.43 9.75 -4.39
C ALA A 123 -10.95 10.02 -4.42
N ALA A 124 -10.46 10.68 -3.39
CA ALA A 124 -9.04 10.93 -3.26
C ALA A 124 -8.31 9.58 -3.23
N GLN A 125 -8.69 8.68 -2.35
CA GLN A 125 -8.02 7.39 -2.25
C GLN A 125 -8.15 6.53 -3.50
N ASN A 126 -9.30 6.56 -4.14
CA ASN A 126 -9.51 5.83 -5.38
C ASN A 126 -8.59 6.34 -6.48
N LEU A 127 -8.41 7.65 -6.53
CA LEU A 127 -7.56 8.25 -7.54
C LEU A 127 -6.16 7.70 -7.42
N LEU A 128 -5.70 7.51 -6.19
CA LEU A 128 -4.34 7.02 -5.98
C LEU A 128 -4.16 5.55 -6.37
N ALA A 129 -5.12 4.69 -6.04
CA ALA A 129 -5.02 3.30 -6.49
C ALA A 129 -4.91 3.32 -8.03
N CYS A 130 -5.67 4.18 -8.71
CA CYS A 130 -5.56 4.28 -10.16
C CYS A 130 -4.17 4.74 -10.62
N GLY A 131 -3.57 5.68 -9.89
CA GLY A 131 -2.23 6.10 -10.22
C GLY A 131 -1.32 4.89 -10.21
N VAL A 132 -1.50 4.06 -9.19
CA VAL A 132 -0.68 2.88 -9.11
C VAL A 132 -1.04 1.91 -10.24
N ALA A 133 -2.35 1.72 -10.48
CA ALA A 133 -2.81 0.80 -11.53
C ALA A 133 -2.14 1.19 -12.84
N LEU A 134 -2.18 2.49 -13.13
CA LEU A 134 -1.57 3.07 -14.31
C LEU A 134 -0.04 3.08 -14.38
N GLY A 135 0.63 2.91 -13.24
CA GLY A 135 2.08 2.97 -13.22
C GLY A 135 2.61 4.40 -13.15
N ALA A 136 1.68 5.32 -12.96
CA ALA A 136 1.94 6.72 -12.67
C ALA A 136 2.56 6.90 -11.29
N LEU A 137 2.11 6.10 -10.34
CA LEU A 137 2.60 6.13 -8.98
C LEU A 137 3.27 4.80 -8.67
N ARG A 138 4.27 4.85 -7.81
CA ARG A 138 4.91 3.65 -7.30
C ARG A 138 3.92 2.86 -6.50
N SER A 139 4.07 1.54 -6.50
CA SER A 139 3.24 0.69 -5.68
C SER A 139 3.47 1.00 -4.20
N ASN A 140 4.74 1.16 -3.85
CA ASN A 140 5.11 1.70 -2.56
C ASN A 140 5.22 3.22 -2.63
N TYR A 141 4.10 3.89 -2.89
CA TYR A 141 4.06 5.34 -2.86
C TYR A 141 3.81 5.86 -1.47
N GLU A 142 4.26 7.08 -1.20
CA GLU A 142 4.05 7.64 0.12
C GLU A 142 3.29 8.93 0.07
N VAL A 143 2.34 9.08 1.00
CA VAL A 143 1.51 10.27 1.08
C VAL A 143 1.96 11.23 2.17
N LYS A 144 2.04 12.54 1.87
CA LYS A 144 2.43 13.50 2.89
C LYS A 144 1.48 14.69 2.92
N GLY A 145 1.25 15.24 4.11
CA GLY A 145 0.49 16.48 4.17
C GLY A 145 1.35 17.60 3.55
N HIS A 146 0.71 18.67 3.10
CA HIS A 146 1.42 19.85 2.57
C HIS A 146 2.33 20.42 3.68
N ARG A 147 1.79 20.46 4.91
CA ARG A 147 2.50 20.92 6.11
C ARG A 147 3.74 20.08 6.44
N ASP A 148 3.79 18.83 6.02
CA ASP A 148 4.97 18.00 6.31
C ASP A 148 6.16 18.35 5.43
N VAL A 149 5.96 19.02 4.31
CA VAL A 149 7.09 19.31 3.44
C VAL A 149 7.28 20.81 3.23
N GLN A 150 6.31 21.59 3.67
CA GLN A 150 6.37 23.04 3.55
C GLN A 150 5.65 23.65 4.73
N PRO A 151 6.01 24.88 5.09
CA PRO A 151 5.42 25.49 6.27
C PRO A 151 4.10 26.13 5.91
N THR A 152 3.02 25.49 6.34
CA THR A 152 1.67 25.93 6.07
C THR A 152 0.76 25.17 7.01
N LEU A 153 -0.47 25.64 7.16
CA LEU A 153 -1.47 24.86 7.89
C LEU A 153 -2.06 23.79 6.94
N SER A 154 -1.99 24.06 5.63
CA SER A 154 -2.47 23.10 4.63
C SER A 154 -1.89 21.75 5.01
N PRO A 155 -2.68 20.66 4.87
CA PRO A 155 -4.05 20.52 4.32
C PRO A 155 -5.19 20.79 5.29
N GLY A 156 -4.92 21.51 6.39
CA GLY A 156 -5.94 21.82 7.38
C GLY A 156 -5.92 20.87 8.56
N ASP A 157 -6.02 21.42 9.78
CA ASP A 157 -5.96 20.58 10.97
C ASP A 157 -6.76 19.29 10.94
N ARG A 158 -8.04 19.36 10.57
CA ARG A 158 -8.89 18.17 10.62
C ARG A 158 -8.57 17.14 9.53
N LEU A 159 -8.32 17.62 8.32
CA LEU A 159 -8.00 16.75 7.18
C LEU A 159 -6.60 16.16 7.36
N TYR A 160 -5.69 16.96 7.90
CA TYR A 160 -4.37 16.44 8.20
C TYR A 160 -4.52 15.31 9.21
N GLU A 161 -5.38 15.42 10.22
CA GLU A 161 -5.46 14.26 11.11
C GLU A 161 -5.99 13.04 10.38
N ILE A 162 -6.82 13.27 9.35
CA ILE A 162 -7.42 12.15 8.64
C ILE A 162 -6.42 11.40 7.79
N ILE A 163 -5.59 12.14 7.04
CA ILE A 163 -4.64 11.51 6.14
C ILE A 163 -3.55 10.76 6.88
N GLN A 164 -3.35 11.16 8.13
CA GLN A 164 -2.40 10.46 8.97
C GLN A 164 -2.74 8.96 9.08
N THR A 165 -4.01 8.59 8.92
CA THR A 165 -4.42 7.20 9.07
C THR A 165 -4.37 6.36 7.81
N TRP A 166 -4.07 7.00 6.67
CA TRP A 166 -4.06 6.29 5.39
C TRP A 166 -2.92 5.36 5.42
N SER A 167 -3.15 4.22 4.81
CA SER A 167 -2.18 3.15 4.77
C SER A 167 -0.84 3.58 4.24
N HIS A 168 -0.84 4.64 3.43
CA HIS A 168 0.39 5.06 2.76
C HIS A 168 1.06 6.29 3.35
N TYR A 169 0.49 6.81 4.44
CA TYR A 169 1.02 7.99 5.09
C TYR A 169 2.31 7.82 5.90
N ARG A 170 3.33 8.59 5.52
CA ARG A 170 4.59 8.62 6.23
C ARG A 170 4.90 10.09 6.46
N ALA A 171 4.94 10.50 7.72
CA ALA A 171 5.38 11.87 8.04
C ALA A 171 6.77 11.92 7.39
N GLU B 1 -10.22 0.46 8.79
CA GLU B 1 -8.77 0.19 9.00
C GLU B 1 -8.00 -0.12 7.70
N ASP B 2 -8.73 -0.20 6.58
CA ASP B 2 -8.13 -0.46 5.26
C ASP B 2 -8.54 0.59 4.20
N PRO B 3 -7.89 0.55 3.00
CA PRO B 3 -8.26 1.52 1.95
C PRO B 3 -9.62 1.13 1.30
N PRO B 4 -10.45 2.13 0.89
CA PRO B 4 -11.77 1.94 0.25
C PRO B 4 -11.71 1.14 -1.06
N ALA B 5 -12.87 0.66 -1.50
CA ALA B 5 -12.97 -0.09 -2.76
C ALA B 5 -12.96 0.83 -4.00
N CYS B 6 -12.79 0.22 -5.15
CA CYS B 6 -12.73 0.93 -6.41
C CYS B 6 -14.11 1.47 -6.63
N GLY B 7 -14.23 2.44 -7.53
CA GLY B 7 -15.51 3.01 -7.89
C GLY B 7 -16.07 4.19 -7.14
N SER B 8 -15.50 4.47 -5.95
CA SER B 8 -16.03 5.47 -5.01
C SER B 8 -17.53 5.26 -4.88
N ILE B 9 -17.91 4.00 -4.69
CA ILE B 9 -19.29 3.62 -4.54
C ILE B 9 -19.75 4.17 -3.22
N VAL B 10 -20.83 4.98 -3.24
CA VAL B 10 -21.50 5.42 -2.01
C VAL B 10 -21.98 4.09 -1.36
N PRO B 11 -21.66 3.91 -0.08
CA PRO B 11 -22.03 2.70 0.66
C PRO B 11 -23.49 2.73 1.07
N ARG B 12 -24.09 1.59 1.38
CA ARG B 12 -25.54 1.55 1.59
C ARG B 12 -25.95 2.47 2.70
N ARG B 13 -25.20 2.44 3.79
CA ARG B 13 -25.51 3.21 4.99
C ARG B 13 -25.47 4.70 4.72
N GLU B 14 -24.52 5.12 3.90
CA GLU B 14 -24.34 6.53 3.62
C GLU B 14 -25.62 7.07 3.00
N TRP B 15 -26.32 6.27 2.17
CA TRP B 15 -27.58 6.78 1.64
C TRP B 15 -28.84 6.42 2.46
N ARG B 16 -28.60 6.00 3.69
CA ARG B 16 -29.65 5.67 4.64
C ARG B 16 -30.59 4.54 4.22
N ALA B 17 -29.98 3.54 3.61
CA ALA B 17 -30.63 2.33 3.20
C ALA B 17 -31.20 1.50 4.36
N LEU B 18 -32.46 1.13 4.23
CA LEU B 18 -33.06 0.11 5.08
C LEU B 18 -32.13 -1.12 4.92
N ALA B 19 -32.01 -1.92 5.97
CA ALA B 19 -31.14 -3.10 5.93
C ALA B 19 -31.64 -4.12 4.90
N SER B 20 -30.70 -4.86 4.30
CA SER B 20 -31.07 -5.89 3.35
C SER B 20 -31.48 -7.23 3.96
N GLU B 21 -32.48 -7.89 3.37
CA GLU B 21 -32.85 -9.21 3.85
C GLU B 21 -32.53 -10.24 2.77
N CYS B 22 -31.95 -9.77 1.67
CA CYS B 22 -31.63 -10.67 0.59
C CYS B 22 -30.51 -11.62 0.94
N ARG B 23 -30.65 -12.88 0.54
CA ARG B 23 -29.66 -13.89 0.84
C ARG B 23 -29.03 -14.62 -0.36
N GLU B 24 -29.74 -14.69 -1.48
CA GLU B 24 -29.24 -15.45 -2.62
C GLU B 24 -27.98 -14.80 -3.15
N ARG B 25 -27.02 -15.62 -3.56
CA ARG B 25 -25.74 -15.10 -3.94
C ARG B 25 -25.42 -15.38 -5.41
N LEU B 26 -24.90 -14.36 -6.10
CA LEU B 26 -24.39 -14.53 -7.44
C LEU B 26 -23.09 -15.33 -7.42
N THR B 27 -22.86 -16.12 -8.45
CA THR B 27 -21.61 -16.84 -8.57
C THR B 27 -20.65 -16.15 -9.53
N ARG B 28 -19.57 -15.62 -9.00
CA ARG B 28 -18.55 -14.96 -9.80
C ARG B 28 -17.65 -15.97 -10.50
N PRO B 29 -16.97 -15.54 -11.56
CA PRO B 29 -17.08 -14.19 -12.09
C PRO B 29 -18.38 -14.08 -12.85
N VAL B 30 -18.91 -12.88 -13.03
CA VAL B 30 -20.23 -12.74 -13.64
C VAL B 30 -20.20 -12.17 -15.03
N ARG B 31 -20.93 -12.85 -15.91
CA ARG B 31 -20.88 -12.58 -17.33
C ARG B 31 -21.59 -11.38 -17.83
N TYR B 32 -22.86 -11.27 -17.49
CA TYR B 32 -23.65 -10.18 -18.01
C TYR B 32 -23.86 -9.02 -17.10
N VAL B 33 -23.96 -7.86 -17.74
CA VAL B 33 -24.29 -6.64 -17.06
C VAL B 33 -25.52 -6.21 -17.82
N VAL B 34 -26.54 -5.79 -17.10
CA VAL B 34 -27.76 -5.36 -17.74
C VAL B 34 -27.96 -3.94 -17.29
N VAL B 35 -28.23 -3.04 -18.24
CA VAL B 35 -28.42 -1.63 -17.89
C VAL B 35 -29.86 -1.18 -18.05
N SER B 36 -30.37 -0.56 -17.01
CA SER B 36 -31.76 -0.12 -16.99
C SER B 36 -31.78 1.35 -16.66
N HIS B 37 -32.96 1.93 -16.68
CA HIS B 37 -33.17 3.23 -16.13
C HIS B 37 -34.29 2.99 -15.20
N THR B 38 -34.49 3.85 -14.23
CA THR B 38 -35.41 3.45 -13.21
C THR B 38 -36.79 3.79 -13.67
N ALA B 39 -36.83 4.72 -14.62
CA ALA B 39 -38.06 5.43 -15.01
C ALA B 39 -38.54 6.20 -13.73
N GLY B 40 -37.65 6.47 -12.77
CA GLY B 40 -38.08 7.22 -11.61
C GLY B 40 -37.65 8.66 -11.85
N SER B 41 -37.77 9.47 -10.81
CA SER B 41 -37.28 10.84 -10.81
C SER B 41 -35.77 10.83 -10.91
N HIS B 42 -35.19 11.89 -11.48
CA HIS B 42 -33.74 12.02 -11.48
C HIS B 42 -33.20 13.07 -10.52
N CYS B 43 -31.88 13.06 -10.35
CA CYS B 43 -31.21 13.91 -9.38
C CYS B 43 -29.80 14.22 -9.85
N ASP B 44 -29.29 15.38 -9.44
CA ASP B 44 -27.95 15.82 -9.80
C ASP B 44 -27.02 16.25 -8.66
N THR B 45 -27.38 15.98 -7.42
CA THR B 45 -26.49 16.24 -6.30
C THR B 45 -26.45 15.05 -5.39
N PRO B 46 -25.41 14.96 -4.59
CA PRO B 46 -25.28 13.83 -3.68
C PRO B 46 -26.44 13.83 -2.70
N ALA B 47 -26.85 15.00 -2.24
CA ALA B 47 -27.99 15.07 -1.38
C ALA B 47 -29.26 14.57 -2.06
N SER B 48 -29.51 15.00 -3.30
CA SER B 48 -30.71 14.51 -4.02
C SER B 48 -30.67 13.06 -4.48
N CYS B 49 -29.48 12.54 -4.83
CA CYS B 49 -29.35 11.15 -5.29
C CYS B 49 -29.38 10.12 -4.15
N ALA B 50 -28.93 10.52 -2.96
CA ALA B 50 -29.05 9.71 -1.76
C ALA B 50 -30.54 9.48 -1.57
N GLN B 51 -31.29 10.58 -1.51
CA GLN B 51 -32.71 10.53 -1.25
C GLN B 51 -33.39 9.73 -2.33
N GLN B 52 -32.94 9.88 -3.57
CA GLN B 52 -33.56 9.12 -4.65
C GLN B 52 -33.25 7.61 -4.55
N ALA B 53 -32.04 7.22 -4.14
CA ALA B 53 -31.80 5.79 -3.87
C ALA B 53 -32.72 5.27 -2.76
N GLN B 54 -32.95 6.09 -1.75
CA GLN B 54 -33.78 5.75 -0.62
C GLN B 54 -35.19 5.54 -1.09
N ASN B 55 -35.70 6.46 -1.92
CA ASN B 55 -37.04 6.34 -2.48
C ASN B 55 -37.26 5.08 -3.35
N VAL B 56 -36.26 4.73 -4.16
CA VAL B 56 -36.39 3.57 -5.05
C VAL B 56 -36.42 2.32 -4.20
N GLN B 57 -35.42 2.15 -3.33
CA GLN B 57 -35.37 1.01 -2.41
C GLN B 57 -36.64 0.93 -1.58
N SER B 58 -37.14 2.07 -1.11
CA SER B 58 -38.40 2.12 -0.34
C SER B 58 -39.57 1.56 -1.15
N TYR B 59 -39.67 1.98 -2.41
CA TYR B 59 -40.67 1.41 -3.27
C TYR B 59 -40.54 -0.11 -3.45
N HIS B 60 -39.31 -0.61 -3.53
CA HIS B 60 -39.17 -2.02 -3.76
C HIS B 60 -39.45 -2.83 -2.52
N VAL B 61 -39.14 -2.25 -1.35
CA VAL B 61 -39.20 -3.04 -0.11
C VAL B 61 -40.53 -3.04 0.50
N ARG B 62 -41.00 -1.84 0.80
CA ARG B 62 -42.31 -1.60 1.34
C ARG B 62 -43.45 -1.97 0.40
N ASN B 63 -43.33 -1.68 -0.88
CA ASN B 63 -44.49 -1.92 -1.71
C ASN B 63 -44.53 -3.19 -2.46
N LEU B 64 -43.39 -3.57 -3.00
CA LEU B 64 -43.28 -4.80 -3.73
C LEU B 64 -42.91 -5.96 -2.81
N GLY B 65 -42.52 -5.66 -1.58
CA GLY B 65 -42.18 -6.72 -0.65
C GLY B 65 -40.84 -7.37 -0.94
N TRP B 66 -40.00 -6.76 -1.77
CA TRP B 66 -38.70 -7.37 -2.05
C TRP B 66 -37.70 -7.28 -0.88
N CYS B 67 -36.73 -8.20 -0.86
CA CYS B 67 -35.70 -8.27 0.18
C CYS B 67 -34.78 -7.03 0.25
N ASP B 68 -34.66 -6.33 -0.86
CA ASP B 68 -33.76 -5.20 -1.03
C ASP B 68 -34.15 -4.49 -2.31
N VAL B 69 -33.52 -3.35 -2.60
CA VAL B 69 -33.70 -2.69 -3.86
C VAL B 69 -33.26 -3.69 -4.91
N GLY B 70 -33.98 -3.72 -6.02
CA GLY B 70 -33.74 -4.72 -7.05
C GLY B 70 -32.38 -4.69 -7.71
N TYR B 71 -31.88 -3.51 -7.98
CA TYR B 71 -30.60 -3.32 -8.66
C TYR B 71 -29.35 -3.52 -7.79
N ASN B 72 -28.36 -4.22 -8.36
CA ASN B 72 -27.02 -4.34 -7.78
C ASN B 72 -26.38 -2.96 -7.52
N PHE B 73 -26.52 -2.03 -8.46
CA PHE B 73 -26.00 -0.69 -8.24
C PHE B 73 -26.88 0.31 -8.91
N LEU B 74 -26.92 1.51 -8.36
CA LEU B 74 -27.63 2.64 -8.97
C LEU B 74 -26.58 3.71 -9.36
N ILE B 75 -26.84 4.45 -10.45
CA ILE B 75 -25.94 5.51 -10.91
C ILE B 75 -26.71 6.82 -10.94
N GLY B 76 -26.20 7.84 -10.24
CA GLY B 76 -26.87 9.14 -10.25
C GLY B 76 -26.27 10.13 -11.25
N GLU B 77 -27.00 11.20 -11.59
CA GLU B 77 -26.48 12.22 -12.51
C GLU B 77 -25.60 13.20 -11.71
N ASP B 78 -25.20 12.78 -10.52
CA ASP B 78 -24.35 13.56 -9.66
C ASP B 78 -22.99 12.97 -9.92
N GLY B 79 -22.98 11.87 -10.65
CA GLY B 79 -21.74 11.23 -11.01
C GLY B 79 -21.24 10.14 -10.08
N LEU B 80 -22.08 9.68 -9.16
CA LEU B 80 -21.70 8.63 -8.21
C LEU B 80 -22.49 7.37 -8.38
N VAL B 81 -21.86 6.28 -7.99
CA VAL B 81 -22.49 4.97 -7.97
C VAL B 81 -23.02 4.78 -6.54
N TYR B 82 -24.17 4.10 -6.44
CA TYR B 82 -24.86 3.84 -5.18
C TYR B 82 -24.99 2.36 -5.06
N GLU B 83 -24.51 1.89 -3.91
CA GLU B 83 -24.51 0.48 -3.70
C GLU B 83 -25.95 0.05 -3.41
N GLY B 84 -26.33 -1.03 -4.09
CA GLY B 84 -27.62 -1.66 -3.89
C GLY B 84 -27.27 -3.09 -3.49
N ARG B 85 -27.81 -4.10 -4.17
CA ARG B 85 -27.49 -5.46 -3.77
C ARG B 85 -25.97 -5.82 -3.88
N GLY B 86 -25.17 -4.94 -4.51
CA GLY B 86 -23.72 -5.09 -4.55
C GLY B 86 -23.26 -6.12 -5.52
N TRP B 87 -21.98 -6.45 -5.49
CA TRP B 87 -21.42 -7.48 -6.35
C TRP B 87 -21.82 -8.88 -5.98
N ASN B 88 -22.24 -9.12 -4.74
CA ASN B 88 -22.44 -10.49 -4.31
C ASN B 88 -23.85 -11.06 -4.13
N ILE B 89 -24.82 -10.16 -4.00
CA ILE B 89 -26.20 -10.58 -3.81
C ILE B 89 -26.97 -10.55 -5.14
N LYS B 90 -27.59 -11.67 -5.50
CA LYS B 90 -28.43 -11.78 -6.71
C LYS B 90 -29.54 -10.70 -6.69
N GLY B 91 -29.67 -9.94 -7.77
CA GLY B 91 -30.66 -8.87 -7.84
C GLY B 91 -32.04 -9.29 -8.36
N ALA B 92 -32.90 -8.31 -8.56
CA ALA B 92 -34.18 -8.56 -9.21
C ALA B 92 -34.36 -7.33 -10.11
N HIS B 93 -33.76 -7.41 -11.29
CA HIS B 93 -33.81 -6.30 -12.23
C HIS B 93 -34.27 -6.67 -13.60
N ALA B 94 -33.98 -7.91 -14.02
CA ALA B 94 -34.30 -8.35 -15.38
C ALA B 94 -35.08 -9.66 -15.47
N GLY B 95 -35.85 -10.00 -14.44
CA GLY B 95 -36.52 -11.28 -14.41
C GLY B 95 -35.69 -12.52 -14.15
N PRO B 96 -36.33 -13.68 -14.17
CA PRO B 96 -35.73 -14.95 -13.76
C PRO B 96 -34.56 -15.46 -14.57
N THR B 97 -34.57 -15.28 -15.88
CA THR B 97 -33.44 -15.73 -16.71
C THR B 97 -32.17 -14.96 -16.42
N TRP B 98 -32.30 -13.63 -16.49
CA TRP B 98 -31.24 -12.69 -16.23
C TRP B 98 -30.69 -12.49 -14.83
N ASN B 99 -31.55 -12.53 -13.82
CA ASN B 99 -31.13 -12.14 -12.47
C ASN B 99 -30.04 -13.03 -11.90
N PRO B 100 -30.15 -14.32 -12.12
CA PRO B 100 -29.13 -15.28 -11.70
C PRO B 100 -27.78 -15.11 -12.39
N ILE B 101 -27.75 -14.77 -13.67
CA ILE B 101 -26.46 -14.63 -14.38
C ILE B 101 -25.87 -13.22 -14.48
N SER B 102 -26.73 -12.22 -14.64
CA SER B 102 -26.31 -10.83 -14.83
C SER B 102 -25.96 -10.06 -13.55
N ILE B 103 -25.41 -8.87 -13.74
CA ILE B 103 -25.29 -7.88 -12.69
C ILE B 103 -26.06 -6.68 -13.21
N GLY B 104 -26.97 -6.15 -12.41
CA GLY B 104 -27.84 -5.10 -12.89
C GLY B 104 -27.52 -3.74 -12.34
N ILE B 105 -27.38 -2.77 -13.23
CA ILE B 105 -27.10 -1.40 -12.85
C ILE B 105 -28.14 -0.48 -13.47
N SER B 106 -28.68 0.43 -12.68
CA SER B 106 -29.73 1.29 -13.18
C SER B 106 -29.42 2.76 -13.04
N PHE B 107 -29.61 3.51 -14.11
CA PHE B 107 -29.47 4.95 -14.06
C PHE B 107 -30.77 5.55 -13.50
N MET B 108 -30.60 6.45 -12.54
CA MET B 108 -31.71 7.04 -11.88
C MET B 108 -32.37 8.17 -12.64
N GLY B 109 -33.41 7.81 -13.39
CA GLY B 109 -34.22 8.79 -14.07
C GLY B 109 -34.89 8.22 -15.31
N ASN B 110 -35.55 9.07 -16.07
CA ASN B 110 -36.16 8.57 -17.30
C ASN B 110 -35.30 9.02 -18.46
N TYR B 111 -34.82 8.09 -19.28
CA TYR B 111 -33.95 8.52 -20.38
C TYR B 111 -34.51 8.33 -21.77
N MET B 112 -35.84 8.46 -21.85
CA MET B 112 -36.58 8.51 -23.11
C MET B 112 -36.35 9.77 -23.97
N ASN B 113 -36.39 10.93 -23.33
CA ASN B 113 -36.11 12.19 -24.00
C ASN B 113 -34.87 12.86 -23.43
N ARG B 114 -34.04 12.08 -22.73
CA ARG B 114 -32.85 12.61 -22.07
C ARG B 114 -31.67 11.65 -22.02
N VAL B 115 -30.47 12.17 -21.83
CA VAL B 115 -29.28 11.31 -21.70
C VAL B 115 -28.48 11.65 -20.45
N PRO B 116 -28.01 10.60 -19.77
CA PRO B 116 -27.23 10.79 -18.54
C PRO B 116 -25.94 11.53 -18.85
N PRO B 117 -25.57 12.45 -17.96
CA PRO B 117 -24.41 13.29 -18.15
C PRO B 117 -23.18 12.39 -18.27
N PRO B 118 -22.10 12.93 -18.82
CA PRO B 118 -20.91 12.13 -19.06
C PRO B 118 -20.43 11.53 -17.76
N ARG B 119 -20.52 12.28 -16.68
CA ARG B 119 -20.10 11.76 -15.37
C ARG B 119 -20.91 10.53 -14.98
N ALA B 120 -22.22 10.58 -15.19
CA ALA B 120 -23.03 9.43 -14.85
C ALA B 120 -22.50 8.28 -15.71
N LEU B 121 -22.06 8.55 -16.94
CA LEU B 121 -21.54 7.47 -17.81
C LEU B 121 -20.15 7.00 -17.39
N ARG B 122 -19.24 7.93 -17.09
CA ARG B 122 -17.94 7.55 -16.51
C ARG B 122 -18.16 6.70 -15.24
N ALA B 123 -19.06 7.14 -14.36
CA ALA B 123 -19.27 6.35 -13.13
C ALA B 123 -19.59 4.92 -13.48
N ALA B 124 -20.52 4.71 -14.41
CA ALA B 124 -20.90 3.34 -14.79
C ALA B 124 -19.77 2.54 -15.44
N GLN B 125 -18.98 3.16 -16.31
CA GLN B 125 -17.85 2.46 -16.95
C GLN B 125 -16.79 2.09 -15.89
N ASN B 126 -16.42 3.09 -15.09
CA ASN B 126 -15.60 2.93 -13.89
C ASN B 126 -16.09 1.68 -13.08
N LEU B 127 -17.37 1.69 -12.70
CA LEU B 127 -17.92 0.61 -11.90
C LEU B 127 -17.64 -0.77 -12.46
N LEU B 128 -17.86 -0.93 -13.76
CA LEU B 128 -17.74 -2.26 -14.34
C LEU B 128 -16.32 -2.77 -14.38
N ALA B 129 -15.37 -1.85 -14.58
CA ALA B 129 -13.94 -2.21 -14.56
C ALA B 129 -13.58 -2.62 -13.13
N CYS B 130 -14.03 -1.83 -12.17
CA CYS B 130 -13.69 -2.08 -10.79
C CYS B 130 -14.22 -3.48 -10.50
N GLY B 131 -15.36 -3.80 -11.09
CA GLY B 131 -15.94 -5.11 -10.84
C GLY B 131 -15.06 -6.20 -11.43
N VAL B 132 -14.35 -5.88 -12.50
CA VAL B 132 -13.43 -6.87 -13.09
C VAL B 132 -12.23 -6.97 -12.16
N ALA B 133 -11.77 -5.83 -11.67
CA ALA B 133 -10.61 -5.78 -10.83
C ALA B 133 -10.88 -6.63 -9.59
N LEU B 134 -12.15 -6.74 -9.24
CA LEU B 134 -12.56 -7.49 -8.06
C LEU B 134 -12.82 -8.98 -8.31
N GLY B 135 -12.94 -9.39 -9.57
CA GLY B 135 -13.21 -10.79 -9.86
C GLY B 135 -14.69 -11.13 -9.89
N ALA B 136 -15.51 -10.11 -9.63
CA ALA B 136 -16.97 -10.20 -9.65
C ALA B 136 -17.43 -10.25 -11.09
N LEU B 137 -16.92 -9.33 -11.91
CA LEU B 137 -17.21 -9.33 -13.33
C LEU B 137 -16.09 -10.04 -14.06
N ARG B 138 -16.43 -11.06 -14.84
CA ARG B 138 -15.44 -11.73 -15.65
C ARG B 138 -14.97 -10.78 -16.73
N SER B 139 -13.68 -10.85 -17.04
CA SER B 139 -13.01 -9.83 -17.83
C SER B 139 -13.63 -9.68 -19.20
N ASN B 140 -13.93 -10.80 -19.83
CA ASN B 140 -14.58 -10.75 -21.13
C ASN B 140 -16.08 -10.68 -20.99
N TYR B 141 -16.60 -9.59 -20.41
CA TYR B 141 -18.06 -9.50 -20.16
C TYR B 141 -18.92 -8.81 -21.23
N GLU B 142 -20.22 -9.16 -21.25
CA GLU B 142 -21.16 -8.56 -22.19
C GLU B 142 -22.23 -7.72 -21.48
N VAL B 143 -22.53 -6.57 -22.07
CA VAL B 143 -23.54 -5.66 -21.57
C VAL B 143 -24.79 -5.80 -22.44
N LYS B 144 -25.96 -5.73 -21.80
CA LYS B 144 -27.23 -5.77 -22.50
C LYS B 144 -28.00 -4.60 -21.93
N GLY B 145 -28.90 -4.04 -22.74
CA GLY B 145 -29.75 -2.95 -22.30
C GLY B 145 -31.07 -3.65 -21.95
N HIS B 146 -31.86 -3.12 -21.05
CA HIS B 146 -32.88 -3.91 -20.37
C HIS B 146 -33.78 -4.66 -21.35
N ARG B 147 -34.15 -4.00 -22.43
CA ARG B 147 -35.05 -4.52 -23.44
C ARG B 147 -34.51 -5.77 -24.09
N ASP B 148 -33.22 -5.79 -24.33
CA ASP B 148 -32.70 -6.89 -25.09
C ASP B 148 -33.14 -8.08 -24.33
N VAL B 149 -33.16 -7.96 -23.02
CA VAL B 149 -33.48 -9.07 -22.15
C VAL B 149 -34.90 -9.14 -21.59
N GLN B 150 -35.70 -8.12 -21.83
CA GLN B 150 -37.04 -8.15 -21.33
C GLN B 150 -37.81 -7.16 -22.13
N PRO B 151 -39.11 -7.31 -22.15
CA PRO B 151 -39.87 -6.31 -22.88
C PRO B 151 -40.14 -5.11 -21.99
N THR B 152 -39.42 -4.02 -22.23
CA THR B 152 -39.66 -2.74 -21.59
C THR B 152 -39.03 -1.60 -22.38
N LEU B 153 -39.51 -0.39 -22.15
CA LEU B 153 -38.89 0.81 -22.69
C LEU B 153 -37.50 1.16 -22.11
N SER B 154 -37.24 0.77 -20.87
CA SER B 154 -35.94 1.01 -20.25
C SER B 154 -34.86 0.26 -21.03
N PRO B 155 -33.65 0.79 -21.09
CA PRO B 155 -33.17 1.95 -20.33
C PRO B 155 -33.39 3.29 -20.96
N GLY B 156 -34.57 3.56 -21.51
CA GLY B 156 -34.83 4.84 -22.17
C GLY B 156 -34.23 4.93 -23.58
N ASP B 157 -34.80 5.78 -24.43
CA ASP B 157 -34.31 5.88 -25.81
C ASP B 157 -32.85 6.32 -25.92
N ARG B 158 -32.54 7.55 -25.54
CA ARG B 158 -31.20 8.07 -25.71
C ARG B 158 -30.16 7.26 -24.95
N LEU B 159 -30.47 6.90 -23.71
CA LEU B 159 -29.56 6.05 -22.95
C LEU B 159 -29.32 4.73 -23.66
N TYR B 160 -30.35 4.12 -24.25
CA TYR B 160 -30.17 2.89 -25.02
C TYR B 160 -29.20 3.04 -26.22
N GLU B 161 -29.19 4.20 -26.88
CA GLU B 161 -28.30 4.35 -28.04
C GLU B 161 -26.84 4.41 -27.61
N ILE B 162 -26.54 5.17 -26.57
CA ILE B 162 -25.18 5.24 -26.04
C ILE B 162 -24.66 3.89 -25.53
N ILE B 163 -25.53 3.15 -24.83
CA ILE B 163 -25.20 1.80 -24.36
C ILE B 163 -24.67 0.94 -25.49
N GLN B 164 -25.26 1.09 -26.68
CA GLN B 164 -24.85 0.31 -27.85
C GLN B 164 -23.44 0.65 -28.38
N THR B 165 -23.01 1.90 -28.15
CA THR B 165 -21.69 2.36 -28.56
C THR B 165 -20.54 1.91 -27.64
N TRP B 166 -20.86 1.20 -26.55
CA TRP B 166 -19.85 0.69 -25.61
C TRP B 166 -19.22 -0.53 -26.22
N SER B 167 -17.95 -0.73 -25.92
CA SER B 167 -17.21 -1.83 -26.48
C SER B 167 -17.78 -3.15 -26.04
N HIS B 168 -18.18 -3.20 -24.77
CA HIS B 168 -18.69 -4.42 -24.22
C HIS B 168 -20.10 -4.79 -24.65
N TYR B 169 -20.85 -3.83 -25.17
CA TYR B 169 -22.23 -4.09 -25.53
C TYR B 169 -22.39 -5.14 -26.61
N ARG B 170 -23.35 -6.03 -26.41
CA ARG B 170 -23.62 -7.12 -27.33
C ARG B 170 -25.04 -7.05 -27.87
N ALA B 171 -25.17 -7.41 -29.14
CA ALA B 171 -26.46 -7.35 -29.83
C ALA B 171 -27.47 -8.25 -29.14
N GLU C 1 34.18 25.88 17.55
CA GLU C 1 33.66 25.98 16.19
C GLU C 1 34.63 25.37 15.19
N ASP C 2 34.93 24.09 15.34
CA ASP C 2 35.96 23.43 14.53
C ASP C 2 35.45 22.29 13.66
N PRO C 3 35.52 22.46 12.32
CA PRO C 3 35.34 21.41 11.33
C PRO C 3 36.67 20.93 10.72
N PRO C 4 36.97 19.63 10.84
CA PRO C 4 38.16 19.00 10.27
C PRO C 4 37.87 18.05 9.10
N ALA C 5 38.90 17.79 8.30
CA ALA C 5 38.76 16.91 7.15
C ALA C 5 38.89 15.47 7.62
N CYS C 6 37.87 15.02 8.34
CA CYS C 6 37.78 13.66 8.88
C CYS C 6 37.37 12.60 7.88
N GLY C 7 36.57 13.03 6.90
CA GLY C 7 36.13 12.14 5.87
C GLY C 7 37.24 11.69 4.93
N SER C 8 37.39 10.37 4.83
CA SER C 8 38.24 9.74 3.79
C SER C 8 37.26 8.96 2.86
N ILE C 9 35.99 9.30 2.99
CA ILE C 9 34.88 8.58 2.39
C ILE C 9 34.78 8.69 0.89
N VAL C 10 34.50 7.56 0.24
CA VAL C 10 34.23 7.49 -1.21
C VAL C 10 32.85 8.12 -1.39
N PRO C 11 32.75 9.22 -2.17
CA PRO C 11 31.46 9.88 -2.40
C PRO C 11 30.53 9.09 -3.28
N ARG C 12 29.22 9.31 -3.15
CA ARG C 12 28.28 8.55 -3.96
C ARG C 12 28.66 8.54 -5.43
N ARG C 13 28.85 9.73 -5.98
CA ARG C 13 29.11 9.89 -7.41
C ARG C 13 30.29 9.05 -7.86
N GLU C 14 31.27 8.88 -6.99
CA GLU C 14 32.45 8.08 -7.29
C GLU C 14 32.24 6.55 -7.29
N TRP C 15 31.24 6.06 -6.58
CA TRP C 15 30.97 4.64 -6.68
C TRP C 15 29.87 4.41 -7.65
N ARG C 16 29.48 5.49 -8.32
CA ARG C 16 28.45 5.48 -9.34
C ARG C 16 27.06 5.10 -8.86
N ALA C 17 26.72 5.64 -7.70
CA ALA C 17 25.40 5.47 -7.14
C ALA C 17 24.34 6.12 -8.01
N LEU C 18 23.16 5.51 -8.01
CA LEU C 18 21.96 6.06 -8.57
C LEU C 18 21.57 7.17 -7.63
N ALA C 19 20.88 8.17 -8.14
CA ALA C 19 20.48 9.28 -7.28
C ALA C 19 19.48 8.83 -6.25
N SER C 20 19.72 9.18 -4.99
CA SER C 20 18.73 8.90 -3.95
C SER C 20 17.46 9.69 -4.12
N GLU C 21 16.35 9.08 -3.74
CA GLU C 21 15.08 9.77 -3.73
C GLU C 21 14.58 10.05 -2.27
N CYS C 22 15.43 9.80 -1.27
CA CYS C 22 15.05 9.94 0.14
C CYS C 22 15.07 11.35 0.60
N ARG C 23 14.07 11.74 1.39
CA ARG C 23 14.01 13.08 1.93
C ARG C 23 13.91 13.22 3.46
N GLU C 24 13.60 12.15 4.18
CA GLU C 24 13.50 12.25 5.63
C GLU C 24 14.87 12.49 6.25
N ARG C 25 14.93 13.38 7.24
CA ARG C 25 16.19 13.75 7.84
C ARG C 25 16.41 13.21 9.23
N LEU C 26 17.67 12.88 9.54
CA LEU C 26 18.07 12.57 10.91
C LEU C 26 18.32 13.94 11.57
N THR C 27 18.15 14.02 12.88
CA THR C 27 18.48 15.26 13.57
C THR C 27 19.84 15.07 14.28
N ARG C 28 20.75 16.03 14.15
CA ARG C 28 22.02 15.85 14.84
C ARG C 28 22.06 16.61 16.18
N PRO C 29 22.84 16.09 17.15
CA PRO C 29 23.65 14.88 17.04
C PRO C 29 22.93 13.56 17.29
N VAL C 30 23.23 12.57 16.46
CA VAL C 30 22.58 11.27 16.54
C VAL C 30 23.20 10.42 17.67
N ARG C 31 22.32 9.89 18.53
CA ARG C 31 22.79 9.07 19.65
C ARG C 31 23.27 7.64 19.33
N TYR C 32 22.60 6.98 18.40
CA TYR C 32 22.92 5.59 18.11
C TYR C 32 23.54 5.26 16.79
N VAL C 33 24.43 4.27 16.83
CA VAL C 33 25.01 3.68 15.62
C VAL C 33 24.61 2.17 15.62
N VAL C 34 24.13 1.65 14.47
CA VAL C 34 23.71 0.22 14.37
C VAL C 34 24.56 -0.44 13.32
N VAL C 35 25.28 -1.47 13.74
CA VAL C 35 26.21 -2.14 12.87
C VAL C 35 25.63 -3.41 12.30
N SER C 36 25.45 -3.40 10.98
CA SER C 36 25.00 -4.60 10.27
C SER C 36 26.03 -5.19 9.29
N HIS C 37 25.65 -6.29 8.64
CA HIS C 37 26.43 -6.77 7.52
C HIS C 37 25.48 -6.99 6.35
N THR C 38 26.00 -6.85 5.14
CA THR C 38 25.17 -7.06 3.97
C THR C 38 24.80 -8.54 3.80
N ALA C 39 25.52 -9.41 4.49
CA ALA C 39 25.26 -10.82 4.41
C ALA C 39 25.53 -11.16 2.96
N GLY C 40 26.34 -10.33 2.33
CA GLY C 40 26.69 -10.53 0.93
C GLY C 40 28.12 -10.91 0.62
N SER C 41 28.48 -10.87 -0.65
CA SER C 41 29.85 -11.11 -1.04
C SER C 41 30.71 -9.92 -0.62
N HIS C 42 31.92 -10.23 -0.15
CA HIS C 42 32.91 -9.22 0.19
C HIS C 42 33.67 -8.73 -1.02
N CYS C 43 34.20 -7.52 -0.92
CA CYS C 43 35.03 -6.93 -1.97
C CYS C 43 36.30 -6.36 -1.37
N ASP C 44 37.45 -6.64 -1.98
CA ASP C 44 38.72 -6.12 -1.46
C ASP C 44 39.52 -5.12 -2.32
N THR C 45 38.90 -4.51 -3.31
CA THR C 45 39.57 -3.48 -4.10
C THR C 45 38.65 -2.33 -4.31
N PRO C 46 39.19 -1.13 -4.39
CA PRO C 46 38.33 0.03 -4.59
C PRO C 46 37.43 -0.15 -5.78
N ALA C 47 37.87 -0.94 -6.76
CA ALA C 47 37.05 -1.12 -7.96
C ALA C 47 35.87 -2.06 -7.72
N SER C 48 36.13 -3.23 -7.14
CA SER C 48 35.07 -4.21 -6.91
C SER C 48 34.15 -3.71 -5.81
N CYS C 49 34.73 -3.09 -4.79
CA CYS C 49 33.93 -2.49 -3.74
C CYS C 49 33.04 -1.39 -4.30
N ALA C 50 33.54 -0.63 -5.27
CA ALA C 50 32.65 0.36 -5.90
C ALA C 50 31.47 -0.40 -6.56
N GLN C 51 31.78 -1.51 -7.25
CA GLN C 51 30.73 -2.35 -7.85
C GLN C 51 29.84 -3.02 -6.78
N GLN C 52 30.42 -3.48 -5.66
CA GLN C 52 29.58 -4.11 -4.63
C GLN C 52 28.62 -3.07 -4.06
N ALA C 53 29.11 -1.87 -3.76
CA ALA C 53 28.22 -0.77 -3.33
C ALA C 53 27.10 -0.52 -4.35
N GLN C 54 27.42 -0.63 -5.64
CA GLN C 54 26.40 -0.51 -6.69
C GLN C 54 25.30 -1.59 -6.56
N ASN C 55 25.70 -2.86 -6.60
CA ASN C 55 24.84 -4.05 -6.37
C ASN C 55 23.94 -3.99 -5.13
N VAL C 56 24.53 -3.66 -3.98
CA VAL C 56 23.70 -3.46 -2.79
C VAL C 56 22.64 -2.39 -3.05
N GLN C 57 23.03 -1.27 -3.65
CA GLN C 57 22.02 -0.24 -3.98
C GLN C 57 21.00 -0.79 -5.02
N SER C 58 21.51 -1.56 -5.98
CA SER C 58 20.64 -2.15 -6.99
C SER C 58 19.58 -3.07 -6.36
N TYR C 59 19.94 -3.77 -5.30
CA TYR C 59 18.96 -4.57 -4.59
C TYR C 59 17.88 -3.70 -3.96
N HIS C 60 18.32 -2.73 -3.17
CA HIS C 60 17.40 -1.92 -2.39
C HIS C 60 16.49 -1.06 -3.20
N VAL C 61 17.05 -0.46 -4.24
CA VAL C 61 16.26 0.43 -5.08
C VAL C 61 15.41 -0.24 -6.15
N ARG C 62 16.04 -1.08 -6.98
CA ARG C 62 15.35 -1.86 -8.04
C ARG C 62 14.38 -3.02 -7.69
N ASN C 63 14.79 -3.91 -6.80
CA ASN C 63 13.96 -5.03 -6.31
C ASN C 63 13.00 -4.61 -5.23
N LEU C 64 13.54 -3.91 -4.24
CA LEU C 64 12.76 -3.52 -3.11
C LEU C 64 12.01 -2.22 -3.26
N GLY C 65 12.35 -1.43 -4.28
CA GLY C 65 11.62 -0.19 -4.56
C GLY C 65 11.82 0.99 -3.62
N TRP C 66 12.92 0.97 -2.88
CA TRP C 66 13.31 1.97 -1.89
C TRP C 66 13.94 3.24 -2.45
N CYS C 67 13.82 4.37 -1.74
CA CYS C 67 14.45 5.61 -2.20
C CYS C 67 16.01 5.59 -2.37
N ASP C 68 16.69 4.75 -1.60
CA ASP C 68 18.15 4.63 -1.70
C ASP C 68 18.62 3.35 -1.05
N VAL C 69 19.92 3.09 -1.14
CA VAL C 69 20.49 2.01 -0.38
C VAL C 69 20.17 2.33 1.07
N GLY C 70 19.81 1.31 1.83
CA GLY C 70 19.25 1.48 3.16
C GLY C 70 20.15 2.16 4.18
N TYR C 71 21.43 1.85 4.07
CA TYR C 71 22.43 2.27 5.04
C TYR C 71 22.98 3.67 4.83
N ASN C 72 23.45 4.25 5.94
CA ASN C 72 24.02 5.56 5.94
C ASN C 72 25.42 5.44 5.40
N PHE C 73 26.15 4.40 5.78
CA PHE C 73 27.48 4.21 5.20
C PHE C 73 27.72 2.73 5.05
N LEU C 74 28.68 2.39 4.19
CA LEU C 74 29.03 0.99 3.95
C LEU C 74 30.52 0.81 4.04
N ILE C 75 30.93 -0.36 4.52
CA ILE C 75 32.36 -0.56 4.74
C ILE C 75 32.89 -1.65 3.85
N GLY C 76 34.09 -1.42 3.35
CA GLY C 76 34.70 -2.34 2.42
C GLY C 76 35.88 -3.04 3.02
N GLU C 77 36.07 -4.26 2.54
CA GLU C 77 37.25 -5.04 2.89
C GLU C 77 38.50 -4.34 2.29
N ASP C 78 38.30 -3.44 1.31
CA ASP C 78 39.39 -2.65 0.73
C ASP C 78 39.89 -1.58 1.70
N GLY C 79 39.18 -1.42 2.83
CA GLY C 79 39.52 -0.43 3.83
C GLY C 79 38.94 0.95 3.61
N LEU C 80 37.98 1.09 2.68
CA LEU C 80 37.35 2.39 2.44
C LEU C 80 35.90 2.40 2.88
N VAL C 81 35.42 3.60 3.24
CA VAL C 81 34.03 3.82 3.58
C VAL C 81 33.29 4.40 2.36
N TYR C 82 32.14 3.78 2.04
CA TYR C 82 31.30 4.20 0.92
C TYR C 82 30.11 4.97 1.45
N GLU C 83 29.91 6.15 0.88
CA GLU C 83 28.84 7.03 1.32
C GLU C 83 27.51 6.44 0.90
N GLY C 84 26.57 6.35 1.83
CA GLY C 84 25.24 5.87 1.47
C GLY C 84 24.33 7.06 1.64
N ARG C 85 23.38 6.94 2.56
CA ARG C 85 22.45 8.01 2.80
C ARG C 85 23.19 9.16 3.49
N GLY C 86 24.43 8.90 3.89
CA GLY C 86 25.21 9.90 4.59
C GLY C 86 24.79 10.12 6.02
N TRP C 87 25.16 11.28 6.57
CA TRP C 87 24.95 11.64 7.97
C TRP C 87 23.65 12.27 8.34
N ASN C 88 23.00 12.87 7.36
CA ASN C 88 21.81 13.67 7.62
C ASN C 88 20.49 13.06 7.12
N ILE C 89 20.54 11.89 6.47
CA ILE C 89 19.35 11.28 5.90
C ILE C 89 18.96 10.00 6.63
N LYS C 90 17.70 9.87 7.06
CA LYS C 90 17.26 8.65 7.77
C LYS C 90 17.50 7.43 6.89
N GLY C 91 18.24 6.43 7.40
CA GLY C 91 18.45 5.19 6.63
C GLY C 91 17.32 4.15 6.78
N ALA C 92 17.38 3.04 6.06
CA ALA C 92 16.29 2.04 6.18
C ALA C 92 17.04 0.78 6.38
N HIS C 93 17.42 0.49 7.63
CA HIS C 93 18.34 -0.59 7.96
C HIS C 93 18.09 -1.32 9.29
N ALA C 94 17.23 -0.78 10.16
CA ALA C 94 17.00 -1.43 11.45
C ALA C 94 15.62 -1.17 12.07
N GLY C 95 14.62 -1.01 11.22
CA GLY C 95 13.24 -0.85 11.67
C GLY C 95 12.80 0.58 11.95
N PRO C 96 11.50 0.76 12.16
CA PRO C 96 10.92 2.08 12.42
C PRO C 96 11.41 2.73 13.71
N THR C 97 11.52 1.95 14.78
CA THR C 97 12.03 2.46 16.04
C THR C 97 13.48 2.97 16.02
N TRP C 98 14.37 2.27 15.33
CA TRP C 98 15.79 2.63 15.37
C TRP C 98 16.29 3.48 14.22
N ASN C 99 15.77 3.18 13.02
CA ASN C 99 16.02 3.99 11.83
C ASN C 99 15.99 5.53 12.09
N PRO C 100 14.96 6.09 12.77
CA PRO C 100 14.91 7.54 13.04
C PRO C 100 15.91 8.12 14.05
N ILE C 101 16.50 7.29 14.90
CA ILE C 101 17.37 7.78 15.97
C ILE C 101 18.80 7.27 15.91
N SER C 102 19.17 6.65 14.78
CA SER C 102 20.50 6.04 14.56
C SER C 102 21.14 6.32 13.20
N ILE C 103 22.44 5.99 13.13
CA ILE C 103 23.21 5.90 11.88
C ILE C 103 23.46 4.38 11.65
N GLY C 104 23.11 3.88 10.46
CA GLY C 104 23.42 2.49 10.13
C GLY C 104 24.63 2.28 9.21
N ILE C 105 25.62 1.53 9.71
CA ILE C 105 26.79 1.19 8.95
C ILE C 105 26.80 -0.32 8.77
N SER C 106 26.98 -0.73 7.53
CA SER C 106 27.00 -2.14 7.16
C SER C 106 28.30 -2.49 6.49
N PHE C 107 28.87 -3.60 6.94
CA PHE C 107 30.12 -4.14 6.39
C PHE C 107 29.73 -5.02 5.20
N MET C 108 30.24 -4.68 4.02
CA MET C 108 29.97 -5.44 2.80
C MET C 108 30.65 -6.82 2.79
N GLY C 109 29.85 -7.83 3.11
CA GLY C 109 30.30 -9.22 3.19
C GLY C 109 29.40 -10.01 4.15
N ASN C 110 29.68 -11.29 4.33
CA ASN C 110 28.96 -12.08 5.32
C ASN C 110 29.94 -12.52 6.39
N TYR C 111 29.65 -12.16 7.62
CA TYR C 111 30.61 -12.34 8.69
C TYR C 111 30.24 -13.40 9.74
N MET C 112 29.32 -14.28 9.37
CA MET C 112 29.01 -15.40 10.22
C MET C 112 30.28 -16.23 10.36
N ASN C 113 30.99 -16.40 9.24
CA ASN C 113 32.20 -17.24 9.24
C ASN C 113 33.59 -16.64 9.00
N ARG C 114 33.64 -15.32 8.86
CA ARG C 114 34.89 -14.60 8.71
C ARG C 114 34.89 -13.40 9.62
N VAL C 115 36.07 -12.91 9.96
CA VAL C 115 36.16 -11.64 10.59
C VAL C 115 36.52 -10.65 9.44
N PRO C 116 36.04 -9.40 9.55
CA PRO C 116 36.39 -8.44 8.48
C PRO C 116 37.93 -8.14 8.73
N PRO C 117 38.71 -7.73 7.68
CA PRO C 117 40.16 -7.45 7.88
C PRO C 117 40.37 -6.23 8.75
N PRO C 118 41.51 -6.14 9.43
CA PRO C 118 41.81 -4.98 10.31
C PRO C 118 41.51 -3.59 9.77
N ARG C 119 41.74 -3.45 8.47
CA ARG C 119 41.50 -2.22 7.76
C ARG C 119 40.03 -1.82 7.72
N ALA C 120 39.12 -2.77 7.58
CA ALA C 120 37.69 -2.43 7.52
C ALA C 120 37.27 -1.96 8.89
N LEU C 121 37.81 -2.63 9.91
CA LEU C 121 37.57 -2.27 11.29
C LEU C 121 38.11 -0.86 11.51
N ARG C 122 39.31 -0.56 11.02
CA ARG C 122 39.89 0.79 11.15
C ARG C 122 39.01 1.84 10.45
N ALA C 123 38.56 1.50 9.25
CA ALA C 123 37.69 2.37 8.47
C ALA C 123 36.44 2.70 9.32
N ALA C 124 35.79 1.63 9.82
CA ALA C 124 34.57 1.80 10.61
C ALA C 124 34.80 2.67 11.84
N GLN C 125 35.84 2.38 12.63
CA GLN C 125 36.13 3.19 13.84
C GLN C 125 36.48 4.66 13.49
N ASN C 126 37.26 4.84 12.44
CA ASN C 126 37.61 6.16 11.96
C ASN C 126 36.36 6.93 11.48
N LEU C 127 35.46 6.22 10.79
CA LEU C 127 34.23 6.83 10.31
C LEU C 127 33.47 7.41 11.46
N LEU C 128 33.41 6.66 12.56
CA LEU C 128 32.60 7.05 13.69
C LEU C 128 33.25 8.20 14.43
N ALA C 129 34.58 8.16 14.49
CA ALA C 129 35.32 9.22 15.13
C ALA C 129 35.08 10.51 14.34
N CYS C 130 35.08 10.39 13.02
CA CYS C 130 34.76 11.54 12.17
C CYS C 130 33.36 12.11 12.53
N GLY C 131 32.36 11.27 12.70
CA GLY C 131 31.03 11.80 12.98
C GLY C 131 30.88 12.61 14.26
N VAL C 132 31.59 12.18 15.30
CA VAL C 132 31.66 12.92 16.57
C VAL C 132 32.35 14.26 16.27
N ALA C 133 33.49 14.23 15.57
CA ALA C 133 34.24 15.45 15.23
C ALA C 133 33.37 16.51 14.53
N LEU C 134 32.51 16.03 13.61
CA LEU C 134 31.65 16.86 12.78
C LEU C 134 30.36 17.22 13.46
N GLY C 135 30.15 16.59 14.62
CA GLY C 135 28.91 16.76 15.38
C GLY C 135 27.74 15.94 14.84
N ALA C 136 27.97 15.03 13.90
CA ALA C 136 26.88 14.19 13.37
C ALA C 136 26.38 13.18 14.45
N LEU C 137 27.32 12.72 15.27
CA LEU C 137 27.09 11.79 16.37
C LEU C 137 27.38 12.41 17.76
N ARG C 138 26.63 12.02 18.79
CA ARG C 138 26.94 12.49 20.16
C ARG C 138 28.35 11.96 20.53
N SER C 139 29.05 12.66 21.41
CA SER C 139 30.39 12.22 21.77
C SER C 139 30.33 10.85 22.45
N ASN C 140 29.39 10.72 23.38
CA ASN C 140 29.05 9.42 23.94
C ASN C 140 27.94 8.75 23.14
N TYR C 141 28.25 8.31 21.93
CA TYR C 141 27.27 7.57 21.14
C TYR C 141 27.25 6.11 21.53
N GLU C 142 26.14 5.44 21.23
CA GLU C 142 26.05 4.01 21.48
C GLU C 142 26.02 3.13 20.25
N VAL C 143 26.78 2.04 20.30
CA VAL C 143 26.81 1.08 19.21
C VAL C 143 25.98 -0.19 19.46
N LYS C 144 25.07 -0.51 18.55
CA LYS C 144 24.27 -1.69 18.73
C LYS C 144 24.56 -2.65 17.57
N GLY C 145 24.48 -3.95 17.84
CA GLY C 145 24.56 -4.91 16.76
C GLY C 145 23.21 -4.96 16.05
N HIS C 146 23.19 -5.31 14.77
CA HIS C 146 21.92 -5.35 14.09
C HIS C 146 20.95 -6.33 14.82
N ARG C 147 21.48 -7.40 15.41
CA ARG C 147 20.65 -8.44 16.04
C ARG C 147 20.10 -8.06 17.40
N ASP C 148 20.58 -6.93 17.90
CA ASP C 148 20.21 -6.43 19.22
C ASP C 148 18.94 -5.62 19.12
N VAL C 149 18.58 -5.23 17.90
CA VAL C 149 17.40 -4.41 17.67
C VAL C 149 16.38 -4.99 16.69
N GLN C 150 16.74 -6.10 16.06
CA GLN C 150 15.95 -6.71 14.99
C GLN C 150 16.39 -8.13 14.92
N PRO C 151 15.43 -9.04 14.71
CA PRO C 151 15.76 -10.46 14.64
C PRO C 151 16.41 -10.81 13.32
N THR C 152 17.70 -11.06 13.39
CA THR C 152 18.51 -11.39 12.24
C THR C 152 19.83 -11.93 12.80
N LEU C 153 20.60 -12.62 11.93
CA LEU C 153 21.95 -13.08 12.27
C LEU C 153 22.96 -11.90 12.13
N SER C 154 22.67 -10.96 11.22
CA SER C 154 23.49 -9.73 11.06
C SER C 154 23.81 -9.07 12.45
N PRO C 155 25.06 -8.56 12.61
CA PRO C 155 26.18 -8.41 11.67
C PRO C 155 27.02 -9.64 11.37
N GLY C 156 26.58 -10.80 11.83
CA GLY C 156 27.36 -12.02 11.66
C GLY C 156 28.14 -12.32 12.94
N ASP C 157 28.23 -13.60 13.33
CA ASP C 157 28.86 -14.05 14.58
C ASP C 157 30.23 -13.45 14.96
N ARG C 158 31.18 -13.55 14.03
CA ARG C 158 32.58 -13.10 14.23
C ARG C 158 32.61 -11.60 14.38
N LEU C 159 31.91 -10.93 13.49
CA LEU C 159 31.87 -9.48 13.53
C LEU C 159 31.10 -9.00 14.76
N TYR C 160 30.02 -9.69 15.12
CA TYR C 160 29.24 -9.29 16.29
C TYR C 160 30.10 -9.37 17.56
N GLU C 161 30.92 -10.42 17.59
CA GLU C 161 31.84 -10.70 18.68
C GLU C 161 32.82 -9.53 18.85
N ILE C 162 33.34 -9.04 17.73
CA ILE C 162 34.21 -7.88 17.72
C ILE C 162 33.51 -6.63 18.24
N ILE C 163 32.37 -6.23 17.66
CA ILE C 163 31.73 -4.99 18.11
C ILE C 163 31.38 -4.99 19.58
N GLN C 164 31.04 -6.15 20.14
CA GLN C 164 30.73 -6.28 21.57
C GLN C 164 31.87 -5.77 22.47
N THR C 165 33.09 -5.81 21.94
CA THR C 165 34.23 -5.32 22.69
C THR C 165 34.41 -3.80 22.66
N TRP C 166 33.87 -3.14 21.62
CA TRP C 166 34.06 -1.70 21.41
C TRP C 166 33.72 -0.81 22.57
N SER C 167 34.51 0.24 22.71
CA SER C 167 34.34 1.23 23.76
C SER C 167 32.93 1.81 23.84
N HIS C 168 32.28 1.97 22.69
CA HIS C 168 30.96 2.62 22.63
C HIS C 168 29.84 1.62 22.55
N TYR C 169 30.17 0.32 22.62
CA TYR C 169 29.12 -0.69 22.54
C TYR C 169 28.26 -0.58 23.81
N ARG C 170 26.97 -0.89 23.69
CA ARG C 170 26.06 -0.77 24.85
C ARG C 170 25.04 -1.88 24.76
N ALA C 171 25.02 -2.70 25.83
CA ALA C 171 24.25 -3.93 25.89
C ALA C 171 22.93 -3.86 25.17
N GLU D 1 -22.54 -29.68 4.87
CA GLU D 1 -22.51 -28.46 5.67
C GLU D 1 -21.36 -28.46 6.67
N ASP D 2 -20.12 -28.29 6.24
CA ASP D 2 -18.96 -28.23 7.13
C ASP D 2 -18.52 -26.79 7.36
N PRO D 3 -18.74 -26.27 8.59
CA PRO D 3 -18.30 -24.91 8.96
C PRO D 3 -16.82 -24.72 9.38
N PRO D 4 -16.30 -25.46 10.39
CA PRO D 4 -14.92 -25.20 10.83
C PRO D 4 -13.87 -25.31 9.72
N ALA D 5 -13.94 -26.42 8.98
CA ALA D 5 -13.17 -26.63 7.75
C ALA D 5 -11.67 -26.94 7.88
N CYS D 6 -10.92 -26.11 8.58
CA CYS D 6 -9.47 -26.02 8.32
C CYS D 6 -8.45 -26.44 9.38
N GLY D 7 -7.46 -27.21 8.91
CA GLY D 7 -6.13 -27.29 9.52
C GLY D 7 -5.90 -27.78 10.94
N SER D 8 -4.64 -28.03 11.25
CA SER D 8 -4.20 -28.42 12.58
C SER D 8 -3.06 -27.53 13.04
N ILE D 9 -3.26 -26.86 14.17
CA ILE D 9 -2.31 -25.90 14.69
C ILE D 9 -2.01 -26.13 16.15
N VAL D 10 -0.74 -26.04 16.52
CA VAL D 10 -0.38 -26.13 17.93
C VAL D 10 -0.60 -24.77 18.55
N PRO D 11 -1.51 -24.72 19.52
CA PRO D 11 -1.88 -23.48 20.20
C PRO D 11 -0.78 -22.95 21.05
N ARG D 12 -0.87 -21.67 21.40
CA ARG D 12 0.19 -20.99 22.14
C ARG D 12 0.48 -21.64 23.46
N ARG D 13 -0.58 -21.91 24.21
CA ARG D 13 -0.46 -22.50 25.52
C ARG D 13 0.17 -23.85 25.43
N GLU D 14 -0.07 -24.53 24.33
CA GLU D 14 0.56 -25.83 24.13
C GLU D 14 2.08 -25.70 24.06
N TRP D 15 2.58 -24.61 23.52
CA TRP D 15 4.01 -24.39 23.51
C TRP D 15 4.44 -23.46 24.61
N ARG D 16 3.49 -23.14 25.50
CA ARG D 16 3.78 -22.30 26.66
C ARG D 16 4.35 -20.94 26.29
N ALA D 17 3.85 -20.36 25.20
CA ALA D 17 4.26 -19.01 24.81
C ALA D 17 3.78 -18.01 25.84
N LEU D 18 4.58 -17.00 26.13
CA LEU D 18 4.21 -16.02 27.14
C LEU D 18 2.93 -15.35 26.65
N ALA D 19 2.11 -14.79 27.54
CA ALA D 19 0.92 -14.06 27.07
C ALA D 19 1.39 -12.90 26.20
N SER D 20 0.69 -12.67 25.11
CA SER D 20 1.07 -11.63 24.16
C SER D 20 0.57 -10.30 24.62
N GLU D 21 1.28 -9.23 24.26
CA GLU D 21 0.71 -7.93 24.56
C GLU D 21 0.51 -7.08 23.29
N CYS D 22 0.52 -7.72 22.13
CA CYS D 22 0.23 -7.02 20.86
C CYS D 22 -1.26 -6.85 20.75
N ARG D 23 -1.71 -5.65 20.40
CA ARG D 23 -3.15 -5.44 20.22
C ARG D 23 -3.53 -4.95 18.83
N GLU D 24 -2.50 -4.64 18.04
CA GLU D 24 -2.71 -4.10 16.71
C GLU D 24 -3.20 -5.16 15.75
N ARG D 25 -4.29 -4.83 15.06
CA ARG D 25 -4.94 -5.81 14.21
C ARG D 25 -4.65 -5.74 12.74
N LEU D 26 -4.81 -6.88 12.06
CA LEU D 26 -4.81 -6.84 10.60
C LEU D 26 -6.29 -6.68 10.17
N THR D 27 -6.48 -6.48 8.87
CA THR D 27 -7.79 -6.41 8.27
C THR D 27 -8.02 -7.66 7.37
N ARG D 28 -8.90 -8.57 7.79
CA ARG D 28 -9.22 -9.71 6.94
C ARG D 28 -10.22 -9.24 5.88
N PRO D 29 -10.18 -9.81 4.64
CA PRO D 29 -9.23 -10.85 4.21
C PRO D 29 -7.91 -10.21 3.85
N VAL D 30 -6.83 -10.77 4.38
CA VAL D 30 -5.47 -10.32 4.12
C VAL D 30 -4.99 -10.72 2.72
N ARG D 31 -4.44 -9.77 1.98
CA ARG D 31 -3.87 -10.00 0.66
C ARG D 31 -2.57 -10.79 0.57
N TYR D 32 -1.65 -10.54 1.50
CA TYR D 32 -0.26 -11.01 1.38
C TYR D 32 0.24 -12.00 2.43
N VAL D 33 1.11 -12.90 2.00
CA VAL D 33 1.74 -13.85 2.88
C VAL D 33 3.24 -13.71 2.66
N VAL D 34 3.98 -13.40 3.73
CA VAL D 34 5.46 -13.33 3.60
C VAL D 34 6.14 -14.56 4.28
N VAL D 35 6.94 -15.30 3.52
CA VAL D 35 7.62 -16.47 4.07
C VAL D 35 9.04 -16.12 4.50
N SER D 36 9.41 -16.49 5.73
CA SER D 36 10.78 -16.29 6.20
C SER D 36 11.36 -17.58 6.78
N HIS D 37 12.68 -17.58 7.02
CA HIS D 37 13.13 -18.62 7.93
C HIS D 37 13.57 -17.98 9.27
N THR D 38 13.66 -18.80 10.31
CA THR D 38 14.20 -18.42 11.61
C THR D 38 15.70 -18.12 11.52
N ALA D 39 16.37 -18.85 10.64
CA ALA D 39 17.80 -18.67 10.39
C ALA D 39 18.56 -19.44 11.45
N GLY D 40 17.80 -19.99 12.40
CA GLY D 40 18.33 -20.74 13.51
C GLY D 40 18.39 -22.24 13.26
N SER D 41 18.55 -22.99 14.34
CA SER D 41 18.47 -24.44 14.31
C SER D 41 17.05 -24.92 14.01
N HIS D 42 16.95 -26.07 13.37
CA HIS D 42 15.69 -26.71 13.00
C HIS D 42 15.40 -27.81 13.99
N CYS D 43 14.15 -28.25 14.00
CA CYS D 43 13.65 -29.18 14.99
C CYS D 43 12.79 -30.17 14.23
N ASP D 44 12.75 -31.45 14.67
CA ASP D 44 11.98 -32.49 13.96
C ASP D 44 10.92 -33.35 14.72
N THR D 45 10.65 -32.98 15.97
CA THR D 45 9.74 -33.69 16.90
C THR D 45 8.97 -32.59 17.57
N PRO D 46 7.76 -32.87 18.09
CA PRO D 46 6.90 -31.87 18.77
C PRO D 46 7.53 -31.27 19.99
N ALA D 47 8.26 -32.11 20.71
CA ALA D 47 8.95 -31.72 21.93
C ALA D 47 10.03 -30.69 21.57
N SER D 48 10.88 -30.96 20.57
CA SER D 48 11.89 -29.98 20.23
C SER D 48 11.24 -28.67 19.67
N CYS D 49 10.27 -28.81 18.76
CA CYS D 49 9.70 -27.60 18.15
C CYS D 49 8.98 -26.68 19.02
N ALA D 50 8.34 -27.19 20.08
CA ALA D 50 7.66 -26.30 21.02
C ALA D 50 8.70 -25.55 21.85
N GLN D 51 9.80 -26.26 22.13
CA GLN D 51 10.97 -25.69 22.80
C GLN D 51 11.44 -24.48 21.99
N GLN D 52 11.72 -24.74 20.72
CA GLN D 52 12.18 -23.71 19.81
C GLN D 52 11.20 -22.55 19.70
N ALA D 53 9.93 -22.86 19.47
CA ALA D 53 8.97 -21.78 19.36
C ALA D 53 9.10 -20.92 20.63
N GLN D 54 9.40 -21.54 21.75
CA GLN D 54 9.55 -20.74 22.96
C GLN D 54 10.84 -19.88 22.94
N ASN D 55 11.92 -20.45 22.37
CA ASN D 55 13.25 -19.80 22.18
C ASN D 55 13.07 -18.54 21.31
N VAL D 56 12.48 -18.75 20.13
CA VAL D 56 12.14 -17.66 19.21
C VAL D 56 11.34 -16.57 19.93
N GLN D 57 10.22 -16.93 20.53
CA GLN D 57 9.46 -15.92 21.25
C GLN D 57 10.32 -15.16 22.30
N SER D 58 11.25 -15.91 22.89
CA SER D 58 12.10 -15.41 23.99
C SER D 58 12.98 -14.28 23.49
N TYR D 59 13.76 -14.56 22.45
CA TYR D 59 14.52 -13.53 21.74
C TYR D 59 13.66 -12.25 21.42
N HIS D 60 12.53 -12.41 20.73
CA HIS D 60 11.76 -11.23 20.36
C HIS D 60 11.20 -10.46 21.53
N VAL D 61 10.75 -11.16 22.59
CA VAL D 61 10.19 -10.52 23.79
C VAL D 61 11.23 -10.17 24.86
N ARG D 62 12.04 -11.16 25.29
CA ARG D 62 13.12 -10.95 26.28
C ARG D 62 14.07 -9.84 25.81
N ASN D 63 14.82 -10.14 24.74
CA ASN D 63 15.78 -9.22 24.16
C ASN D 63 15.21 -7.99 23.44
N LEU D 64 14.49 -8.20 22.33
CA LEU D 64 14.04 -7.04 21.55
C LEU D 64 12.95 -6.22 22.21
N GLY D 65 12.47 -6.69 23.36
CA GLY D 65 11.40 -6.02 24.09
C GLY D 65 10.12 -5.90 23.27
N TRP D 66 9.81 -6.91 22.47
CA TRP D 66 8.57 -6.88 21.68
C TRP D 66 7.34 -7.29 22.49
N CYS D 67 6.14 -6.97 22.01
CA CYS D 67 4.88 -7.35 22.66
C CYS D 67 4.56 -8.87 22.55
N ASP D 68 5.21 -9.55 21.62
CA ASP D 68 4.99 -10.99 21.42
C ASP D 68 5.91 -11.35 20.27
N VAL D 69 6.03 -12.66 20.00
CA VAL D 69 6.86 -13.21 18.91
C VAL D 69 6.48 -12.52 17.60
N GLY D 70 7.46 -12.31 16.71
CA GLY D 70 7.25 -11.52 15.51
C GLY D 70 6.30 -12.06 14.46
N TYR D 71 6.36 -13.36 14.26
CA TYR D 71 5.56 -14.03 13.27
C TYR D 71 4.12 -14.38 13.67
N ASN D 72 3.24 -14.39 12.68
CA ASN D 72 1.84 -14.78 12.90
C ASN D 72 1.71 -16.28 13.14
N PHE D 73 2.55 -17.08 12.45
CA PHE D 73 2.65 -18.54 12.60
C PHE D 73 4.09 -19.01 12.33
N LEU D 74 4.46 -20.11 12.98
CA LEU D 74 5.76 -20.72 12.77
C LEU D 74 5.61 -22.14 12.24
N ILE D 75 6.58 -22.56 11.43
CA ILE D 75 6.50 -23.89 10.85
C ILE D 75 7.62 -24.86 11.29
N GLY D 76 7.29 -25.85 12.12
CA GLY D 76 8.31 -26.83 12.50
C GLY D 76 8.58 -27.96 11.48
N GLU D 77 9.80 -28.54 11.49
CA GLU D 77 10.08 -29.75 10.68
C GLU D 77 9.42 -31.02 11.30
N ASP D 78 8.74 -30.85 12.45
CA ASP D 78 7.94 -31.92 13.07
C ASP D 78 6.65 -31.96 12.28
N GLY D 79 6.43 -30.94 11.45
CA GLY D 79 5.30 -30.95 10.53
C GLY D 79 4.01 -30.38 11.07
N LEU D 80 4.17 -29.71 12.19
CA LEU D 80 3.11 -29.00 12.86
C LEU D 80 3.31 -27.51 12.63
N VAL D 81 2.24 -26.75 12.87
CA VAL D 81 2.24 -25.32 12.75
C VAL D 81 2.07 -24.83 14.17
N TYR D 82 2.87 -23.84 14.55
CA TYR D 82 2.77 -23.26 15.89
C TYR D 82 2.15 -21.95 15.66
N GLU D 83 1.21 -21.63 16.51
CA GLU D 83 0.56 -20.39 16.40
C GLU D 83 1.45 -19.24 16.93
N GLY D 84 1.59 -18.15 16.15
CA GLY D 84 2.31 -16.97 16.63
C GLY D 84 1.25 -15.92 17.02
N ARG D 85 1.28 -14.72 16.42
CA ARG D 85 0.28 -13.68 16.73
C ARG D 85 -1.05 -14.06 16.04
N GLY D 86 -0.97 -15.01 15.12
CA GLY D 86 -2.20 -15.51 14.53
C GLY D 86 -2.76 -14.73 13.36
N TRP D 87 -4.02 -15.00 13.00
CA TRP D 87 -4.58 -14.40 11.79
C TRP D 87 -4.98 -12.97 11.94
N ASN D 88 -5.24 -12.58 13.17
CA ASN D 88 -5.90 -11.31 13.43
C ASN D 88 -5.10 -10.16 13.93
N ILE D 89 -3.85 -10.45 14.29
CA ILE D 89 -2.97 -9.49 14.96
C ILE D 89 -1.70 -9.16 14.14
N LYS D 90 -1.45 -7.85 13.95
CA LYS D 90 -0.30 -7.41 13.14
C LYS D 90 1.02 -7.91 13.73
N GLY D 91 1.79 -8.61 12.89
CA GLY D 91 3.09 -9.14 13.25
C GLY D 91 4.24 -8.18 13.05
N ALA D 92 5.44 -8.68 13.31
CA ALA D 92 6.66 -7.90 13.22
C ALA D 92 7.67 -8.82 12.54
N HIS D 93 7.50 -9.00 11.24
CA HIS D 93 8.37 -9.87 10.48
C HIS D 93 8.94 -9.27 9.24
N ALA D 94 8.23 -8.28 8.69
CA ALA D 94 8.56 -7.67 7.40
C ALA D 94 8.73 -6.13 7.35
N GLY D 95 8.63 -5.44 8.47
CA GLY D 95 8.74 -3.98 8.48
C GLY D 95 7.44 -3.19 8.32
N PRO D 96 7.58 -1.86 8.20
CA PRO D 96 6.45 -0.94 8.27
C PRO D 96 5.48 -1.05 7.11
N THR D 97 5.99 -1.28 5.91
CA THR D 97 5.16 -1.50 4.74
C THR D 97 4.40 -2.84 4.63
N TRP D 98 5.08 -3.95 4.92
CA TRP D 98 4.48 -5.26 4.78
C TRP D 98 3.75 -5.84 6.00
N ASN D 99 4.15 -5.43 7.19
CA ASN D 99 3.56 -5.94 8.41
C ASN D 99 2.08 -5.65 8.57
N PRO D 100 1.66 -4.43 8.25
CA PRO D 100 0.27 -4.04 8.46
C PRO D 100 -0.68 -4.71 7.50
N ILE D 101 -0.14 -5.29 6.45
CA ILE D 101 -0.98 -5.87 5.39
C ILE D 101 -0.72 -7.34 5.01
N SER D 102 0.03 -8.06 5.84
CA SER D 102 0.35 -9.46 5.55
C SER D 102 0.36 -10.34 6.78
N ILE D 103 0.48 -11.65 6.53
CA ILE D 103 0.61 -12.69 7.55
C ILE D 103 2.04 -13.20 7.32
N GLY D 104 2.88 -13.16 8.35
CA GLY D 104 4.22 -13.70 8.28
C GLY D 104 4.29 -15.11 8.88
N ILE D 105 4.75 -16.04 8.05
CA ILE D 105 4.98 -17.39 8.47
C ILE D 105 6.49 -17.64 8.36
N SER D 106 7.07 -18.24 9.41
CA SER D 106 8.50 -18.52 9.46
C SER D 106 8.76 -20.01 9.70
N PHE D 107 9.51 -20.63 8.79
CA PHE D 107 9.97 -22.01 8.95
C PHE D 107 11.11 -21.99 9.96
N MET D 108 11.02 -22.86 10.97
CA MET D 108 12.00 -22.91 12.06
C MET D 108 13.26 -23.65 11.68
N GLY D 109 14.31 -22.87 11.38
CA GLY D 109 15.58 -23.41 10.93
C GLY D 109 16.33 -22.55 9.90
N ASN D 110 17.16 -23.18 9.06
CA ASN D 110 17.98 -22.42 8.08
C ASN D 110 18.06 -23.13 6.79
N TYR D 111 17.40 -22.54 5.81
CA TYR D 111 17.24 -23.24 4.56
C TYR D 111 18.09 -22.70 3.46
N MET D 112 19.24 -22.09 3.83
CA MET D 112 20.21 -21.56 2.84
C MET D 112 20.73 -22.71 1.98
N ASN D 113 21.09 -23.82 2.64
CA ASN D 113 21.56 -25.01 1.95
C ASN D 113 20.67 -26.23 2.19
N ARG D 114 19.65 -26.09 3.00
CA ARG D 114 18.78 -27.21 3.33
C ARG D 114 17.30 -26.96 3.06
N VAL D 115 16.64 -27.93 2.44
CA VAL D 115 15.20 -27.93 2.23
C VAL D 115 14.44 -28.36 3.49
N PRO D 116 13.24 -27.83 3.69
CA PRO D 116 12.40 -28.28 4.80
C PRO D 116 11.81 -29.62 4.26
N PRO D 117 11.46 -30.56 5.15
CA PRO D 117 10.88 -31.84 4.72
C PRO D 117 9.51 -31.70 4.02
N PRO D 118 9.06 -32.74 3.33
CA PRO D 118 7.75 -32.60 2.69
C PRO D 118 6.68 -32.26 3.70
N ARG D 119 6.75 -32.83 4.90
CA ARG D 119 5.72 -32.55 5.91
C ARG D 119 5.66 -31.11 6.40
N ALA D 120 6.80 -30.43 6.50
CA ALA D 120 6.77 -29.01 6.85
C ALA D 120 6.19 -28.17 5.70
N LEU D 121 6.49 -28.55 4.45
CA LEU D 121 5.95 -27.90 3.25
C LEU D 121 4.44 -28.15 3.17
N ARG D 122 3.99 -29.36 3.47
CA ARG D 122 2.55 -29.57 3.46
C ARG D 122 1.90 -28.75 4.57
N ALA D 123 2.58 -28.68 5.72
CA ALA D 123 1.99 -27.99 6.86
C ALA D 123 1.72 -26.51 6.52
N ALA D 124 2.70 -25.82 5.92
CA ALA D 124 2.52 -24.43 5.50
C ALA D 124 1.48 -24.26 4.35
N GLN D 125 1.50 -25.10 3.32
CA GLN D 125 0.50 -24.96 2.25
C GLN D 125 -0.90 -25.22 2.80
N ASN D 126 -1.06 -26.27 3.59
CA ASN D 126 -2.36 -26.53 4.17
C ASN D 126 -2.80 -25.39 5.10
N LEU D 127 -1.85 -24.71 5.74
CA LEU D 127 -2.24 -23.60 6.61
C LEU D 127 -2.80 -22.44 5.80
N LEU D 128 -2.23 -22.22 4.61
CA LEU D 128 -2.71 -21.13 3.78
C LEU D 128 -4.10 -21.47 3.27
N ALA D 129 -4.32 -22.70 2.81
CA ALA D 129 -5.67 -23.08 2.34
C ALA D 129 -6.67 -22.86 3.45
N CYS D 130 -6.27 -23.13 4.68
CA CYS D 130 -7.10 -22.87 5.85
C CYS D 130 -7.40 -21.39 6.06
N GLY D 131 -6.38 -20.55 5.86
CA GLY D 131 -6.54 -19.10 5.99
C GLY D 131 -7.56 -18.59 4.96
N VAL D 132 -7.53 -19.17 3.77
CA VAL D 132 -8.49 -18.80 2.73
C VAL D 132 -9.89 -19.34 3.14
N ALA D 133 -9.98 -20.61 3.50
CA ALA D 133 -11.23 -21.18 3.96
C ALA D 133 -11.86 -20.38 5.09
N LEU D 134 -11.04 -19.70 5.91
CA LEU D 134 -11.61 -18.93 7.02
C LEU D 134 -11.96 -17.50 6.65
N GLY D 135 -11.60 -17.10 5.44
CA GLY D 135 -11.73 -15.71 5.08
C GLY D 135 -10.70 -14.82 5.83
N ALA D 136 -9.61 -15.39 6.35
CA ALA D 136 -8.57 -14.53 6.95
C ALA D 136 -7.62 -14.08 5.83
N LEU D 137 -7.54 -14.84 4.74
CA LEU D 137 -6.72 -14.42 3.61
C LEU D 137 -7.64 -14.32 2.38
N ARG D 138 -7.27 -13.47 1.42
CA ARG D 138 -8.03 -13.33 0.19
C ARG D 138 -7.84 -14.61 -0.63
N SER D 139 -8.83 -14.95 -1.43
CA SER D 139 -8.80 -16.16 -2.25
C SER D 139 -7.62 -16.10 -3.21
N ASN D 140 -7.35 -14.90 -3.69
CA ASN D 140 -6.27 -14.64 -4.64
C ASN D 140 -5.01 -14.05 -3.98
N TYR D 141 -4.76 -14.46 -2.74
CA TYR D 141 -3.66 -13.94 -1.92
C TYR D 141 -2.30 -14.22 -2.52
N GLU D 142 -1.35 -13.34 -2.24
CA GLU D 142 -0.02 -13.41 -2.83
C GLU D 142 1.04 -13.78 -1.81
N VAL D 143 1.92 -14.71 -2.21
CA VAL D 143 3.05 -15.11 -1.37
C VAL D 143 4.34 -14.42 -1.81
N LYS D 144 5.04 -13.78 -0.87
CA LYS D 144 6.34 -13.18 -1.11
C LYS D 144 7.39 -13.94 -0.26
N GLY D 145 8.59 -14.08 -0.83
CA GLY D 145 9.69 -14.45 0.05
C GLY D 145 10.07 -13.17 0.86
N HIS D 146 10.50 -13.36 2.10
CA HIS D 146 11.00 -12.28 2.95
C HIS D 146 11.96 -11.40 2.14
N ARG D 147 12.88 -12.01 1.39
CA ARG D 147 13.90 -11.26 0.66
C ARG D 147 13.32 -10.45 -0.49
N ASP D 148 12.10 -10.75 -0.87
CA ASP D 148 11.41 -9.97 -1.86
C ASP D 148 11.02 -8.61 -1.31
N VAL D 149 10.87 -8.51 0.01
CA VAL D 149 10.45 -7.25 0.63
C VAL D 149 11.40 -6.59 1.64
N GLN D 150 12.44 -7.28 2.09
CA GLN D 150 13.38 -6.75 3.07
C GLN D 150 14.75 -7.12 2.58
N PRO D 151 15.81 -6.39 2.92
CA PRO D 151 17.09 -6.91 2.42
C PRO D 151 17.47 -8.02 3.40
N THR D 152 17.63 -9.23 2.89
CA THR D 152 17.89 -10.38 3.76
C THR D 152 18.06 -11.60 2.91
N LEU D 153 18.66 -12.62 3.49
CA LEU D 153 18.83 -13.85 2.75
C LEU D 153 17.61 -14.72 3.00
N SER D 154 16.82 -14.33 3.98
CA SER D 154 15.68 -15.12 4.38
C SER D 154 14.65 -15.20 3.23
N PRO D 155 13.96 -16.35 3.06
CA PRO D 155 13.91 -17.66 3.74
C PRO D 155 14.93 -18.70 3.32
N GLY D 156 16.12 -18.25 2.92
CA GLY D 156 17.18 -19.18 2.57
C GLY D 156 17.02 -19.59 1.12
N ASP D 157 18.14 -19.77 0.42
CA ASP D 157 18.11 -20.08 -1.00
C ASP D 157 17.22 -21.26 -1.34
N ARG D 158 17.41 -22.38 -0.65
CA ARG D 158 16.61 -23.57 -0.98
C ARG D 158 15.10 -23.40 -0.76
N LEU D 159 14.68 -22.85 0.37
CA LEU D 159 13.24 -22.58 0.59
C LEU D 159 12.71 -21.45 -0.34
N TYR D 160 13.53 -20.46 -0.66
CA TYR D 160 13.09 -19.40 -1.55
C TYR D 160 12.75 -20.02 -2.90
N GLU D 161 13.57 -20.95 -3.34
CA GLU D 161 13.36 -21.60 -4.61
C GLU D 161 12.07 -22.45 -4.64
N ILE D 162 11.67 -22.95 -3.48
CA ILE D 162 10.50 -23.78 -3.46
C ILE D 162 9.29 -22.89 -3.46
N ILE D 163 9.27 -21.90 -2.56
CA ILE D 163 8.08 -21.06 -2.50
C ILE D 163 7.77 -20.32 -3.79
N GLN D 164 8.78 -20.16 -4.62
CA GLN D 164 8.62 -19.52 -5.90
C GLN D 164 7.72 -20.30 -6.84
N THR D 165 7.57 -21.61 -6.64
CA THR D 165 6.78 -22.44 -7.59
C THR D 165 5.30 -22.49 -7.27
N TRP D 166 5.01 -22.07 -6.04
CA TRP D 166 3.69 -22.07 -5.47
C TRP D 166 2.63 -21.34 -6.27
N SER D 167 1.45 -21.93 -6.28
CA SER D 167 0.28 -21.36 -6.90
C SER D 167 0.12 -19.86 -6.68
N HIS D 168 0.30 -19.38 -5.44
CA HIS D 168 0.11 -17.97 -5.09
C HIS D 168 1.32 -17.06 -5.07
N TYR D 169 2.47 -17.60 -5.43
CA TYR D 169 3.66 -16.80 -5.47
C TYR D 169 3.60 -15.73 -6.54
N ARG D 170 3.91 -14.51 -6.15
CA ARG D 170 3.96 -13.38 -7.07
C ARG D 170 5.07 -12.41 -6.61
N ALA D 171 6.17 -12.32 -7.37
CA ALA D 171 7.27 -11.44 -6.94
C ALA D 171 7.06 -9.99 -7.38
#